data_3WV9
#
_entry.id   3WV9
#
_cell.length_a   85.000
_cell.length_b   85.000
_cell.length_c   120.780
_cell.angle_alpha   90.00
_cell.angle_beta   90.00
_cell.angle_gamma   120.00
#
_symmetry.space_group_name_H-M   'P 3'
#
loop_
_entity.id
_entity.type
_entity.pdbx_description
1 polymer 'Hmd co-occurring protein HcgE'
2 non-polymer "ADENOSINE-5'-TRIPHOSPHATE"
3 non-polymer "5'-O-[(S)-{[2-(carboxymethyl)-6-hydroxy-3,5-dimethylpyridin-4-yl]oxy}(hydroxy)phosphoryl]guanosine"
4 non-polymer 'SULFATE ION'
5 water water
#
_entity_poly.entity_id   1
_entity_poly.type   'polypeptide(L)'
_entity_poly.pdbx_seq_one_letter_code
;MEISELEGKKVPHGEVTLVGAGRLGFRTALNLMQIHRGGPERIKVIDGQKVSADDLIFRLMGAKIGEYKVKFIESLACDG
FSRTVQGIPEYITGDNLRLIGGDVVCVEIAGGDTLPITTEIIRYAQERGAATISTMGVFGIGEEDVSVVDIDEADPENPI
AAYLQAEGIHEHVLVGTGKLIRDWEPVTPHVLDRVSEVMTAEILKLLRGAQRLELVPR
;
_entity_poly.pdbx_strand_id   A,B,C,D
#
loop_
_chem_comp.id
_chem_comp.type
_chem_comp.name
_chem_comp.formula
ATP non-polymer ADENOSINE-5'-TRIPHOSPHATE 'C10 H16 N5 O13 P3'
FEG non-polymer 5'-O-[(S)-{[2-(carboxymethyl)-6-hydroxy-3,5-dimethylpyridin-4-yl]oxy}(hydroxy)phosphoryl]guanosine 'C19 H23 N6 O11 P'
SO4 non-polymer 'SULFATE ION' 'O4 S -2'
#
# COMPACT_ATOMS: atom_id res chain seq x y z
N GLU A 7 10.79 40.39 43.08
CA GLU A 7 12.02 41.17 43.28
C GLU A 7 13.34 40.37 42.85
N GLY A 8 13.64 39.33 43.66
CA GLY A 8 14.94 38.61 43.75
C GLY A 8 14.71 37.11 43.54
N LYS A 9 14.87 36.70 42.28
CA LYS A 9 14.26 35.50 41.72
C LYS A 9 15.20 34.44 41.35
N LYS A 10 14.80 33.20 41.75
CA LYS A 10 15.69 32.00 41.94
C LYS A 10 15.40 30.97 40.88
N VAL A 11 16.30 30.02 40.72
CA VAL A 11 16.35 29.22 39.52
C VAL A 11 16.48 27.72 39.76
N PRO A 12 15.97 26.89 38.82
CA PRO A 12 16.43 25.49 38.68
C PRO A 12 17.95 25.38 38.42
N HIS A 13 18.64 24.37 38.98
CA HIS A 13 20.05 24.13 38.70
C HIS A 13 20.25 22.65 38.60
N GLY A 14 21.18 22.21 37.78
CA GLY A 14 21.59 20.81 37.83
C GLY A 14 20.88 19.83 36.90
N GLU A 15 21.46 18.65 36.74
CA GLU A 15 20.82 17.58 36.02
C GLU A 15 20.59 16.47 36.96
N VAL A 16 19.37 15.94 36.97
CA VAL A 16 19.05 14.74 37.77
C VAL A 16 18.69 13.59 36.87
N THR A 17 19.38 12.46 36.97
CA THR A 17 18.98 11.22 36.27
C THR A 17 18.20 10.34 37.16
N LEU A 18 17.07 9.84 36.67
CA LEU A 18 16.28 8.85 37.42
C LEU A 18 16.36 7.62 36.63
N VAL A 19 17.13 6.66 37.15
CA VAL A 19 17.17 5.36 36.58
C VAL A 19 16.00 4.60 37.22
N GLY A 20 15.04 4.22 36.39
CA GLY A 20 13.86 3.50 36.90
C GLY A 20 12.66 4.39 37.02
N ALA A 21 11.57 4.03 36.31
CA ALA A 21 10.45 4.96 36.22
C ALA A 21 9.13 4.23 36.32
N GLY A 22 9.07 3.31 37.26
CA GLY A 22 7.90 2.47 37.51
C GLY A 22 7.15 3.21 38.58
N ARG A 23 6.49 2.48 39.45
CA ARG A 23 5.43 3.11 40.21
C ARG A 23 6.01 4.13 41.17
N LEU A 24 7.24 3.92 41.62
CA LEU A 24 7.92 4.90 42.47
C LEU A 24 8.65 5.95 41.64
N GLY A 25 9.41 5.50 40.66
CA GLY A 25 10.20 6.40 39.77
C GLY A 25 9.32 7.47 39.12
N PHE A 26 8.15 7.04 38.67
CA PHE A 26 7.16 7.93 38.11
C PHE A 26 6.78 9.03 39.09
N ARG A 27 6.58 8.68 40.38
CA ARG A 27 6.11 9.65 41.36
C ARG A 27 7.23 10.60 41.62
N THR A 28 8.48 10.13 41.51
CA THR A 28 9.63 11.01 41.81
C THR A 28 9.75 12.00 40.67
N ALA A 29 9.58 11.51 39.45
CA ALA A 29 9.52 12.38 38.29
C ALA A 29 8.45 13.47 38.46
N LEU A 30 7.24 13.06 38.89
CA LEU A 30 6.15 14.01 39.04
C LEU A 30 6.45 15.07 40.06
N ASN A 31 7.01 14.63 41.15
CA ASN A 31 7.36 15.57 42.23
C ASN A 31 8.38 16.59 41.65
N LEU A 32 9.40 16.07 40.99
CA LEU A 32 10.44 16.95 40.56
C LEU A 32 9.94 17.91 39.50
N MET A 33 9.03 17.45 38.63
CA MET A 33 8.56 18.30 37.57
C MET A 33 7.70 19.41 38.06
N GLN A 34 7.20 19.31 39.28
CA GLN A 34 6.27 20.27 39.74
C GLN A 34 6.95 21.30 40.54
N ILE A 35 8.23 21.13 40.81
CA ILE A 35 8.96 22.02 41.74
C ILE A 35 9.21 23.35 41.04
N HIS A 36 9.10 24.40 41.80
CA HIS A 36 9.10 25.75 41.25
C HIS A 36 10.05 26.60 42.08
N ARG A 37 10.63 27.61 41.46
CA ARG A 37 11.70 28.33 42.10
C ARG A 37 12.90 27.42 42.57
N GLY A 38 13.31 26.43 41.77
CA GLY A 38 14.43 25.57 42.13
C GLY A 38 14.26 24.21 41.53
N GLY A 39 14.88 23.22 42.12
CA GLY A 39 14.82 21.90 41.57
C GLY A 39 15.77 21.84 40.39
N PRO A 40 15.84 20.69 39.72
CA PRO A 40 16.78 20.54 38.60
C PRO A 40 16.37 21.31 37.39
N GLU A 41 17.33 21.67 36.56
CA GLU A 41 17.02 22.31 35.29
C GLU A 41 16.87 21.21 34.28
N ARG A 42 17.47 20.04 34.50
CA ARG A 42 17.47 19.01 33.51
C ARG A 42 17.09 17.75 34.19
N ILE A 43 16.17 16.99 33.60
CA ILE A 43 15.70 15.75 34.20
C ILE A 43 15.84 14.68 33.17
N LYS A 44 16.56 13.62 33.55
CA LYS A 44 16.76 12.54 32.67
C LYS A 44 16.05 11.33 33.25
N VAL A 45 15.09 10.72 32.52
CA VAL A 45 14.50 9.46 33.02
C VAL A 45 14.82 8.25 32.13
N ILE A 46 15.34 7.17 32.75
CA ILE A 46 15.81 6.03 32.04
C ILE A 46 15.13 4.73 32.53
N ASP A 47 14.44 3.99 31.64
CA ASP A 47 13.69 2.76 32.00
C ASP A 47 13.29 2.04 30.76
N GLY A 48 13.38 0.69 30.73
CA GLY A 48 13.15 -0.03 29.48
C GLY A 48 11.73 -0.49 29.24
N GLN A 49 10.78 -0.15 30.15
CA GLN A 49 9.49 -0.84 30.16
C GLN A 49 8.27 -0.13 29.72
N LYS A 50 7.26 -0.86 29.27
CA LYS A 50 6.01 -0.24 28.76
C LYS A 50 4.91 -0.12 29.82
N VAL A 51 4.00 0.83 29.66
CA VAL A 51 2.75 0.78 30.41
C VAL A 51 1.90 -0.43 30.02
N SER A 52 1.50 -1.22 31.04
CA SER A 52 0.61 -2.38 30.87
C SER A 52 -0.62 -2.08 31.67
N ALA A 53 -1.54 -3.01 31.71
CA ALA A 53 -2.84 -2.77 32.42
C ALA A 53 -2.70 -2.51 33.90
N ASP A 54 -1.70 -3.16 34.48
CA ASP A 54 -1.49 -3.18 35.90
C ASP A 54 -0.92 -1.88 36.45
N ASP A 55 -0.50 -1.00 35.53
CA ASP A 55 0.18 0.24 35.89
C ASP A 55 -0.86 1.36 36.05
N LEU A 56 -1.79 1.18 36.96
CA LEU A 56 -2.88 2.13 37.10
C LEU A 56 -2.45 3.61 37.22
N ILE A 57 -1.44 3.87 38.05
CA ILE A 57 -0.92 5.20 38.27
C ILE A 57 -0.59 5.90 36.94
N PHE A 58 0.00 5.19 36.00
CA PHE A 58 0.11 5.75 34.68
C PHE A 58 -1.25 5.90 33.91
N ARG A 59 -2.08 4.89 33.88
CA ARG A 59 -3.31 4.95 33.08
C ARG A 59 -4.28 6.03 33.59
N LEU A 60 -4.41 6.21 34.91
CA LEU A 60 -5.17 7.34 35.52
C LEU A 60 -4.73 8.73 35.09
N MET A 61 -3.45 8.91 34.81
CA MET A 61 -2.94 10.14 34.17
C MET A 61 -3.05 10.12 32.67
N GLY A 62 -3.46 9.00 32.10
CA GLY A 62 -3.90 8.95 30.68
C GLY A 62 -2.83 8.34 29.72
N ALA A 63 -1.82 7.66 30.30
CA ALA A 63 -0.87 6.96 29.51
C ALA A 63 -1.58 5.84 28.77
N LYS A 64 -1.20 5.53 27.55
CA LYS A 64 -1.77 4.36 26.90
C LYS A 64 -0.97 3.08 27.21
N ILE A 65 -1.66 1.95 27.39
CA ILE A 65 -0.97 0.64 27.31
C ILE A 65 -0.12 0.63 26.06
N GLY A 66 1.11 0.18 26.23
CA GLY A 66 2.02 0.01 25.10
C GLY A 66 3.07 1.08 25.00
N GLU A 67 2.78 2.28 25.53
CA GLU A 67 3.67 3.48 25.56
C GLU A 67 4.79 3.24 26.50
N TYR A 68 6.01 3.63 26.15
CA TYR A 68 7.15 3.45 27.14
C TYR A 68 6.79 4.46 28.21
N LYS A 69 6.83 4.05 29.48
CA LYS A 69 6.79 4.97 30.64
C LYS A 69 7.58 6.27 30.35
N VAL A 70 8.85 6.20 29.86
CA VAL A 70 9.63 7.43 29.70
C VAL A 70 9.07 8.36 28.59
N LYS A 71 8.42 7.79 27.56
CA LYS A 71 7.71 8.61 26.61
C LYS A 71 6.49 9.28 27.17
N PHE A 72 5.71 8.57 27.96
CA PHE A 72 4.63 9.27 28.59
C PHE A 72 5.10 10.45 29.45
N ILE A 73 6.11 10.18 30.23
CA ILE A 73 6.60 11.21 31.14
C ILE A 73 7.16 12.42 30.37
N GLU A 74 7.86 12.14 29.25
CA GLU A 74 8.46 13.17 28.44
C GLU A 74 7.39 13.98 27.87
N SER A 75 6.31 13.29 27.48
CA SER A 75 5.16 13.96 26.84
C SER A 75 4.52 15.01 27.74
N LEU A 76 4.59 14.88 29.06
CA LEU A 76 4.07 15.91 29.95
C LEU A 76 4.88 17.22 29.90
N ALA A 77 6.14 17.18 29.45
CA ALA A 77 6.88 18.44 29.17
C ALA A 77 6.67 18.94 27.75
N CYS A 78 5.46 19.41 27.48
CA CYS A 78 4.95 19.89 26.23
C CYS A 78 5.73 21.08 25.69
N ASP A 79 5.47 21.53 24.44
CA ASP A 79 6.39 22.49 23.83
C ASP A 79 6.79 23.76 24.62
N GLY A 80 5.92 24.29 25.47
CA GLY A 80 6.30 25.50 26.17
C GLY A 80 6.97 25.33 27.54
N PHE A 81 7.12 24.08 27.98
CA PHE A 81 7.57 23.72 29.31
C PHE A 81 9.00 24.18 29.42
N SER A 82 9.33 24.83 30.52
CA SER A 82 10.60 25.54 30.61
C SER A 82 11.87 24.72 30.92
N ARG A 83 11.69 23.58 31.60
CA ARG A 83 12.78 22.73 31.99
C ARG A 83 12.78 21.58 31.02
N THR A 84 13.90 20.92 30.94
CA THR A 84 14.04 19.87 30.03
C THR A 84 13.77 18.53 30.71
N VAL A 85 12.89 17.73 30.10
CA VAL A 85 12.74 16.36 30.41
C VAL A 85 13.04 15.60 29.15
N GLN A 86 13.97 14.67 29.23
CA GLN A 86 14.25 13.70 28.15
C GLN A 86 14.15 12.29 28.76
N GLY A 87 13.52 11.41 28.00
CA GLY A 87 13.42 10.06 28.40
C GLY A 87 14.19 9.08 27.56
N ILE A 88 14.71 8.04 28.20
CA ILE A 88 15.44 7.00 27.49
C ILE A 88 14.86 5.66 27.82
N PRO A 89 14.29 5.00 26.80
CA PRO A 89 13.54 3.78 27.01
C PRO A 89 14.40 2.52 26.95
N GLU A 90 15.41 2.45 27.80
CA GLU A 90 16.32 1.35 27.80
C GLU A 90 16.70 1.07 29.22
N TYR A 91 16.92 -0.21 29.50
CA TYR A 91 17.41 -0.72 30.73
C TYR A 91 18.91 -0.36 30.76
N ILE A 92 19.40 -0.04 31.97
CA ILE A 92 20.81 0.18 32.10
C ILE A 92 21.57 -1.16 32.22
N THR A 93 22.62 -1.31 31.41
CA THR A 93 23.51 -2.50 31.45
C THR A 93 24.96 -2.03 31.56
N GLY A 94 25.87 -2.99 31.78
CA GLY A 94 27.34 -2.72 31.65
C GLY A 94 27.68 -2.03 30.34
N ASP A 95 26.79 -2.14 29.37
CA ASP A 95 27.02 -1.63 28.00
C ASP A 95 26.64 -0.18 27.68
N ASN A 96 25.75 0.38 28.50
CA ASN A 96 25.26 1.71 28.22
C ASN A 96 25.38 2.61 29.42
N LEU A 97 26.34 2.37 30.31
CA LEU A 97 26.69 3.31 31.36
C LEU A 97 26.99 4.71 30.82
N ARG A 98 27.27 4.88 29.52
CA ARG A 98 27.49 6.21 28.96
C ARG A 98 26.27 7.13 29.13
N LEU A 99 25.10 6.52 29.28
CA LEU A 99 23.87 7.16 29.64
C LEU A 99 23.81 7.71 31.08
N ILE A 100 24.71 7.31 31.96
CA ILE A 100 24.72 7.73 33.38
C ILE A 100 25.66 8.92 33.59
N GLY A 101 25.08 10.10 33.74
CA GLY A 101 25.82 11.30 34.15
C GLY A 101 24.92 12.39 34.73
N GLY A 102 25.49 13.25 35.55
CA GLY A 102 24.77 14.42 36.03
C GLY A 102 25.18 14.89 37.41
N ASP A 103 24.31 15.61 38.10
CA ASP A 103 24.67 16.19 39.38
C ASP A 103 24.10 15.26 40.43
N VAL A 104 22.94 14.67 40.11
CA VAL A 104 22.43 13.71 41.04
C VAL A 104 21.88 12.56 40.21
N VAL A 105 22.11 11.33 40.68
CA VAL A 105 21.61 10.11 40.04
C VAL A 105 20.82 9.33 41.10
N CYS A 106 19.59 8.97 40.75
CA CYS A 106 18.65 8.38 41.68
C CYS A 106 18.10 7.08 41.13
N VAL A 107 18.29 5.98 41.85
CA VAL A 107 18.00 4.62 41.28
C VAL A 107 16.78 4.11 41.97
N GLU A 108 15.75 3.81 41.20
CA GLU A 108 14.52 3.31 41.70
C GLU A 108 14.02 2.18 40.77
N ILE A 109 14.85 1.12 40.67
CA ILE A 109 14.55 0.00 39.77
C ILE A 109 14.14 -1.27 40.54
N ALA A 110 13.43 -2.14 39.83
CA ALA A 110 12.97 -3.42 40.35
C ALA A 110 12.82 -4.46 39.21
N GLY A 111 12.96 -5.73 39.54
CA GLY A 111 12.79 -6.83 38.56
C GLY A 111 14.03 -7.62 38.74
N GLY A 112 13.94 -8.75 39.49
CA GLY A 112 15.04 -9.66 39.71
C GLY A 112 15.96 -9.05 40.70
N ASP A 113 17.25 -9.42 40.61
CA ASP A 113 18.29 -8.83 41.43
C ASP A 113 18.86 -7.63 40.65
N THR A 114 18.60 -6.47 41.23
CA THR A 114 18.98 -5.17 40.70
C THR A 114 20.30 -4.61 41.22
N LEU A 115 20.80 -5.17 42.31
CA LEU A 115 22.01 -4.64 43.00
C LEU A 115 23.33 -4.62 42.20
N PRO A 116 23.68 -5.67 41.42
CA PRO A 116 24.91 -5.57 40.65
C PRO A 116 24.98 -4.36 39.70
N ILE A 117 23.95 -4.17 38.89
CA ILE A 117 23.87 -3.01 37.96
C ILE A 117 23.74 -1.72 38.70
N THR A 118 23.05 -1.73 39.82
CA THR A 118 22.97 -0.54 40.68
C THR A 118 24.33 -0.15 41.10
N THR A 119 25.08 -1.12 41.58
CA THR A 119 26.47 -0.86 42.09
C THR A 119 27.32 -0.21 41.03
N GLU A 120 27.19 -0.75 39.79
CA GLU A 120 27.97 -0.29 38.66
C GLU A 120 27.56 1.16 38.38
N ILE A 121 26.26 1.44 38.48
CA ILE A 121 25.71 2.79 38.32
C ILE A 121 26.31 3.75 39.34
N ILE A 122 26.25 3.41 40.62
CA ILE A 122 26.77 4.32 41.67
C ILE A 122 28.28 4.57 41.49
N ARG A 123 29.08 3.53 41.24
CA ARG A 123 30.51 3.76 40.97
C ARG A 123 30.77 4.68 39.73
N TYR A 124 30.18 4.35 38.58
CA TYR A 124 30.42 5.10 37.34
C TYR A 124 29.99 6.57 37.55
N ALA A 125 28.83 6.78 38.18
CA ALA A 125 28.32 8.13 38.39
C ALA A 125 29.22 8.94 39.37
N GLN A 126 29.71 8.29 40.45
CA GLN A 126 30.54 9.02 41.40
C GLN A 126 31.93 9.28 40.75
N GLU A 127 32.32 8.45 39.79
CA GLU A 127 33.53 8.75 39.01
C GLU A 127 33.38 10.00 38.16
N ARG A 128 32.17 10.29 37.71
CA ARG A 128 31.95 11.51 36.95
C ARG A 128 31.46 12.63 37.91
N GLY A 129 31.76 12.48 39.23
CA GLY A 129 31.36 13.49 40.29
C GLY A 129 29.85 13.76 40.63
N ALA A 130 28.93 12.82 40.35
CA ALA A 130 27.53 12.95 40.69
C ALA A 130 27.33 12.36 42.07
N ALA A 131 26.53 13.01 42.90
CA ALA A 131 26.01 12.31 44.10
C ALA A 131 24.94 11.27 43.67
N THR A 132 24.76 10.27 44.53
CA THR A 132 23.98 9.09 44.19
C THR A 132 23.04 8.79 45.32
N ILE A 133 21.89 8.29 44.91
CA ILE A 133 20.88 7.94 45.84
C ILE A 133 20.08 6.75 45.34
N SER A 134 19.59 5.91 46.24
CA SER A 134 18.70 4.83 45.86
C SER A 134 17.85 4.31 47.03
N THR A 135 17.08 3.24 46.80
CA THR A 135 16.21 2.69 47.82
C THR A 135 16.80 1.49 48.62
N MET A 136 16.29 1.27 49.82
CA MET A 136 16.67 0.09 50.62
C MET A 136 15.42 -0.66 51.06
N GLY A 137 14.52 -1.00 50.15
CA GLY A 137 13.27 -1.63 50.56
C GLY A 137 12.12 -0.66 50.60
N VAL A 138 11.18 -0.86 49.68
CA VAL A 138 9.99 -0.03 49.68
C VAL A 138 8.72 -0.82 49.93
N PHE A 139 8.86 -2.02 50.51
CA PHE A 139 7.65 -2.78 50.86
C PHE A 139 7.00 -2.19 52.10
N GLY A 140 5.71 -2.41 52.28
CA GLY A 140 4.95 -1.91 53.42
C GLY A 140 3.43 -1.85 53.13
N ILE A 141 2.63 -1.93 54.18
CA ILE A 141 1.18 -1.92 54.05
C ILE A 141 0.58 -0.50 54.31
N GLY A 142 1.39 0.43 54.76
CA GLY A 142 0.83 1.75 54.87
C GLY A 142 1.43 2.64 55.91
N GLU A 143 1.71 2.08 57.07
CA GLU A 143 2.16 2.85 58.21
C GLU A 143 3.64 2.99 58.34
N GLU A 144 4.37 1.91 58.03
CA GLU A 144 5.79 1.75 58.39
C GLU A 144 6.56 3.03 58.06
N ASP A 145 7.65 3.32 58.78
CA ASP A 145 8.33 4.62 58.72
C ASP A 145 9.17 4.89 57.47
N VAL A 146 9.39 6.17 57.14
CA VAL A 146 10.21 6.41 56.00
C VAL A 146 11.46 7.00 56.44
N SER A 147 12.54 6.30 56.29
CA SER A 147 13.80 6.80 56.85
C SER A 147 14.91 6.97 55.79
N VAL A 148 15.98 7.68 56.19
CA VAL A 148 17.06 8.09 55.34
C VAL A 148 18.32 7.83 56.14
N VAL A 149 19.39 7.39 55.44
CA VAL A 149 20.65 6.96 56.02
C VAL A 149 21.74 7.04 54.95
N ASP A 150 22.99 7.30 55.33
CA ASP A 150 24.11 7.17 54.44
C ASP A 150 24.50 5.70 54.35
N ILE A 151 25.21 5.33 53.30
CA ILE A 151 25.56 3.96 52.99
C ILE A 151 26.37 3.29 54.07
N ASP A 152 27.27 4.07 54.71
CA ASP A 152 28.20 3.50 55.63
C ASP A 152 27.62 3.50 57.09
N GLU A 153 26.36 3.98 57.21
CA GLU A 153 25.62 3.79 58.47
C GLU A 153 24.45 2.88 58.30
N ALA A 154 24.45 2.16 57.17
CA ALA A 154 23.27 1.41 56.93
C ALA A 154 23.35 0.09 57.72
N ASP A 155 22.16 -0.42 58.14
CA ASP A 155 21.93 -1.72 58.80
C ASP A 155 22.58 -2.83 58.03
N PRO A 156 23.57 -3.52 58.65
CA PRO A 156 24.28 -4.51 57.79
C PRO A 156 23.46 -5.77 57.48
N GLU A 157 22.39 -5.99 58.24
CA GLU A 157 21.45 -7.08 57.91
C GLU A 157 20.52 -6.71 56.75
N ASN A 158 20.48 -5.44 56.40
CA ASN A 158 19.66 -5.00 55.29
C ASN A 158 20.40 -5.44 54.04
N PRO A 159 19.75 -6.25 53.19
CA PRO A 159 20.40 -6.88 52.01
C PRO A 159 21.06 -5.90 51.02
N ILE A 160 20.39 -4.79 50.75
CA ILE A 160 20.95 -3.80 49.87
C ILE A 160 22.24 -3.19 50.40
N ALA A 161 22.16 -2.67 51.64
CA ALA A 161 23.26 -1.99 52.29
C ALA A 161 24.42 -2.96 52.37
N ALA A 162 24.11 -4.22 52.73
CA ALA A 162 25.11 -5.27 52.85
C ALA A 162 25.93 -5.31 51.56
N TYR A 163 25.24 -5.42 50.43
CA TYR A 163 25.87 -5.71 49.13
C TYR A 163 26.71 -4.50 48.73
N LEU A 164 26.14 -3.33 48.74
CA LEU A 164 26.86 -2.12 48.49
C LEU A 164 28.09 -1.85 49.39
N GLN A 165 27.99 -2.08 50.70
CA GLN A 165 29.19 -1.92 51.58
C GLN A 165 30.31 -2.91 51.25
N ALA A 166 29.94 -4.16 51.01
CA ALA A 166 30.89 -5.16 50.57
C ALA A 166 31.52 -4.82 49.21
N GLU A 167 30.72 -4.19 48.32
CA GLU A 167 31.21 -3.67 47.04
C GLU A 167 31.97 -2.36 47.18
N GLY A 168 32.15 -1.85 48.38
CA GLY A 168 33.11 -0.74 48.57
C GLY A 168 32.59 0.61 48.18
N ILE A 169 31.29 0.77 48.35
CA ILE A 169 30.55 2.00 48.03
C ILE A 169 30.56 2.94 49.24
N HIS A 170 30.76 4.24 48.98
CA HIS A 170 30.84 5.24 50.08
C HIS A 170 30.03 6.46 49.70
N GLU A 171 29.60 7.26 50.65
CA GLU A 171 28.85 8.53 50.35
C GLU A 171 27.68 8.26 49.39
N HIS A 172 26.73 7.46 49.87
CA HIS A 172 25.59 7.09 49.07
C HIS A 172 24.34 7.13 49.93
N VAL A 173 23.31 7.86 49.48
CA VAL A 173 22.19 8.12 50.36
C VAL A 173 21.11 7.10 50.07
N LEU A 174 20.49 6.57 51.12
CA LEU A 174 19.48 5.53 51.00
C LEU A 174 18.21 5.87 51.72
N VAL A 175 17.11 5.46 51.10
CA VAL A 175 15.78 5.77 51.58
C VAL A 175 14.93 4.51 51.48
N GLY A 176 13.96 4.37 52.40
CA GLY A 176 13.19 3.20 52.45
C GLY A 176 12.40 3.08 53.73
N THR A 177 11.43 2.17 53.73
CA THR A 177 10.88 1.68 55.02
C THR A 177 11.76 0.57 55.70
N GLY A 178 12.54 -0.13 54.87
CA GLY A 178 13.34 -1.22 55.35
C GLY A 178 12.64 -2.56 55.29
N LYS A 179 11.35 -2.57 54.93
CA LYS A 179 10.65 -3.82 54.64
C LYS A 179 10.96 -4.33 53.23
N LEU A 180 11.08 -5.63 53.02
CA LEU A 180 11.74 -6.15 51.80
C LEU A 180 11.01 -7.21 51.02
N ILE A 181 11.67 -7.74 49.97
CA ILE A 181 11.05 -8.74 49.06
C ILE A 181 10.69 -9.97 49.88
N ARG A 182 11.64 -10.34 50.74
CA ARG A 182 11.56 -11.34 51.79
C ARG A 182 10.38 -11.15 52.71
N ASP A 183 10.05 -9.92 53.13
CA ASP A 183 9.02 -9.76 54.15
C ASP A 183 7.61 -10.04 53.63
N TRP A 184 6.64 -10.05 54.55
CA TRP A 184 5.31 -10.44 54.13
C TRP A 184 4.57 -9.28 53.43
N GLU A 185 4.96 -8.05 53.78
CA GLU A 185 4.27 -6.85 53.31
C GLU A 185 4.41 -6.65 51.78
N PRO A 186 3.29 -6.22 51.14
CA PRO A 186 3.19 -5.94 49.74
C PRO A 186 3.70 -4.51 49.46
N VAL A 187 3.49 -4.00 48.23
CA VAL A 187 3.94 -2.65 47.88
C VAL A 187 2.69 -1.78 47.78
N THR A 188 2.56 -0.73 48.60
CA THR A 188 1.28 0.03 48.65
C THR A 188 1.41 1.47 48.16
N PRO A 189 0.31 2.06 47.68
CA PRO A 189 0.57 3.36 47.04
C PRO A 189 0.97 4.48 48.06
N HIS A 190 0.44 4.45 49.28
CA HIS A 190 0.70 5.55 50.21
C HIS A 190 2.18 5.57 50.58
N VAL A 191 2.72 4.38 50.70
CA VAL A 191 4.12 4.13 50.96
C VAL A 191 4.94 4.62 49.83
N LEU A 192 4.62 4.28 48.60
CA LEU A 192 5.39 4.82 47.42
C LEU A 192 5.29 6.36 47.34
N ASP A 193 4.13 6.93 47.67
CA ASP A 193 4.04 8.41 47.84
C ASP A 193 4.98 8.97 48.86
N ARG A 194 5.00 8.44 50.08
CA ARG A 194 5.90 8.97 51.13
C ARG A 194 7.39 8.76 50.84
N VAL A 195 7.72 7.56 50.39
CA VAL A 195 9.12 7.31 49.87
C VAL A 195 9.48 8.34 48.84
N SER A 196 8.54 8.61 47.94
CA SER A 196 8.78 9.52 46.82
C SER A 196 8.98 10.97 47.29
N GLU A 197 8.25 11.34 48.32
CA GLU A 197 8.29 12.70 48.82
C GLU A 197 9.67 12.96 49.47
N VAL A 198 10.10 11.93 50.24
CA VAL A 198 11.36 11.97 50.92
C VAL A 198 12.49 11.89 49.93
N MET A 199 12.36 10.97 48.96
CA MET A 199 13.33 10.78 47.84
C MET A 199 13.58 12.05 47.13
N THR A 200 12.52 12.77 46.94
CA THR A 200 12.68 14.04 46.22
C THR A 200 13.48 15.03 47.09
N ALA A 201 13.14 15.08 48.36
CA ALA A 201 13.77 16.09 49.27
C ALA A 201 15.30 15.84 49.40
N GLU A 202 15.69 14.56 49.46
CA GLU A 202 17.05 14.19 49.53
C GLU A 202 17.76 14.44 48.24
N ILE A 203 17.08 14.17 47.12
CA ILE A 203 17.65 14.66 45.85
C ILE A 203 17.96 16.18 45.91
N LEU A 204 17.08 16.97 46.51
CA LEU A 204 17.23 18.41 46.47
C LEU A 204 18.41 18.87 47.27
N LYS A 205 18.63 18.23 48.42
CA LYS A 205 19.85 18.53 49.23
C LYS A 205 21.09 18.27 48.42
N LEU A 206 21.13 17.09 47.85
CA LEU A 206 22.28 16.69 47.08
C LEU A 206 22.46 17.60 45.85
N LEU A 207 21.36 18.16 45.35
CA LEU A 207 21.44 19.02 44.17
C LEU A 207 22.11 20.34 44.52
N ARG A 208 21.94 20.74 45.76
CA ARG A 208 22.42 22.01 46.22
C ARG A 208 23.91 21.77 46.42
N GLY A 209 24.25 20.63 47.02
CA GLY A 209 25.65 20.17 47.11
C GLY A 209 26.50 20.26 45.82
N ALA A 210 25.91 20.05 44.66
CA ALA A 210 26.59 20.29 43.36
C ALA A 210 27.13 21.73 43.23
N GLN A 211 26.88 22.57 44.21
CA GLN A 211 27.46 23.90 44.28
C GLN A 211 28.33 24.09 45.54
N GLU B 7 5.21 14.55 -19.93
CA GLU B 7 6.40 14.52 -19.10
C GLU B 7 7.20 13.21 -19.37
N GLY B 8 6.79 12.14 -18.67
CA GLY B 8 7.14 10.76 -18.83
C GLY B 8 6.08 10.25 -17.89
N LYS B 9 5.30 9.26 -18.33
CA LYS B 9 3.98 9.04 -17.69
C LYS B 9 3.40 7.59 -17.46
N LYS B 10 2.21 7.50 -16.86
CA LYS B 10 1.47 6.26 -16.43
C LYS B 10 0.17 6.03 -17.28
N VAL B 11 -0.37 4.81 -17.32
CA VAL B 11 -1.18 4.25 -18.44
C VAL B 11 -2.38 3.30 -18.05
N PRO B 12 -3.46 3.25 -18.90
CA PRO B 12 -4.49 2.22 -18.69
C PRO B 12 -3.92 0.80 -18.76
N HIS B 13 -4.17 -0.07 -17.79
CA HIS B 13 -3.54 -1.38 -17.73
C HIS B 13 -4.46 -2.37 -17.02
N GLY B 14 -4.64 -3.56 -17.58
CA GLY B 14 -5.42 -4.58 -16.84
C GLY B 14 -6.88 -4.71 -17.22
N GLU B 15 -7.47 -5.86 -16.88
CA GLU B 15 -8.92 -6.02 -17.05
C GLU B 15 -9.80 -6.11 -15.79
N VAL B 16 -10.90 -5.37 -15.76
CA VAL B 16 -11.97 -5.57 -14.73
C VAL B 16 -13.22 -6.13 -15.38
N THR B 17 -13.85 -7.10 -14.73
CA THR B 17 -15.07 -7.67 -15.23
C THR B 17 -16.16 -7.29 -14.22
N LEU B 18 -17.28 -6.78 -14.74
CA LEU B 18 -18.43 -6.50 -13.93
C LEU B 18 -19.48 -7.55 -14.20
N VAL B 19 -19.79 -8.38 -13.19
CA VAL B 19 -20.95 -9.23 -13.37
C VAL B 19 -22.11 -8.50 -12.76
N GLY B 20 -23.08 -8.14 -13.60
CA GLY B 20 -24.25 -7.35 -13.17
C GLY B 20 -24.07 -5.90 -13.62
N ALA B 21 -25.06 -5.39 -14.33
CA ALA B 21 -25.01 -4.04 -14.90
C ALA B 21 -26.41 -3.42 -14.81
N GLY B 22 -27.06 -3.65 -13.68
CA GLY B 22 -28.35 -2.94 -13.42
C GLY B 22 -28.10 -1.57 -12.79
N ARG B 23 -28.90 -1.23 -11.80
CA ARG B 23 -28.76 0.10 -11.25
C ARG B 23 -27.33 0.39 -10.65
N LEU B 24 -26.76 -0.62 -9.99
CA LEU B 24 -25.46 -0.45 -9.43
C LEU B 24 -24.38 -0.72 -10.41
N GLY B 25 -24.46 -1.83 -11.11
CA GLY B 25 -23.37 -2.13 -12.06
C GLY B 25 -23.18 -1.06 -13.12
N PHE B 26 -24.28 -0.47 -13.55
CA PHE B 26 -24.23 0.57 -14.63
C PHE B 26 -23.47 1.82 -14.12
N ARG B 27 -23.79 2.24 -12.87
CA ARG B 27 -23.03 3.36 -12.16
C ARG B 27 -21.53 3.05 -12.05
N THR B 28 -21.24 1.80 -11.67
CA THR B 28 -19.83 1.43 -11.65
C THR B 28 -19.17 1.46 -13.09
N ALA B 29 -19.89 1.02 -14.11
CA ALA B 29 -19.36 1.01 -15.45
C ALA B 29 -19.05 2.46 -15.91
N LEU B 30 -19.96 3.39 -15.66
CA LEU B 30 -19.68 4.79 -15.95
C LEU B 30 -18.43 5.31 -15.16
N ASN B 31 -18.29 4.91 -13.93
CA ASN B 31 -17.09 5.31 -13.22
C ASN B 31 -15.81 4.77 -13.86
N LEU B 32 -15.85 3.51 -14.26
CA LEU B 32 -14.63 2.92 -14.75
C LEU B 32 -14.25 3.52 -16.08
N MET B 33 -15.24 3.84 -16.87
CA MET B 33 -15.06 4.28 -18.25
C MET B 33 -14.53 5.69 -18.34
N GLN B 34 -14.64 6.46 -17.23
CA GLN B 34 -14.12 7.86 -17.13
C GLN B 34 -12.78 7.97 -16.49
N ILE B 35 -12.14 6.86 -16.08
CA ILE B 35 -10.89 6.97 -15.37
C ILE B 35 -9.84 7.45 -16.36
N HIS B 36 -9.05 8.42 -15.91
CA HIS B 36 -7.96 8.92 -16.71
C HIS B 36 -6.64 8.75 -16.03
N ARG B 37 -5.59 8.59 -16.85
CA ARG B 37 -4.20 8.47 -16.36
C ARG B 37 -4.12 7.21 -15.52
N GLY B 38 -4.70 6.16 -16.08
CA GLY B 38 -4.62 4.86 -15.48
C GLY B 38 -5.91 4.12 -15.59
N GLY B 39 -6.15 3.23 -14.63
CA GLY B 39 -7.43 2.52 -14.54
C GLY B 39 -7.35 1.36 -15.43
N PRO B 40 -8.46 0.61 -15.58
CA PRO B 40 -8.43 -0.52 -16.51
C PRO B 40 -8.29 -0.19 -17.93
N GLU B 41 -7.65 -1.09 -18.65
CA GLU B 41 -7.56 -1.05 -20.13
C GLU B 41 -8.82 -1.68 -20.75
N ARG B 42 -9.31 -2.75 -20.16
CA ARG B 42 -10.38 -3.51 -20.78
C ARG B 42 -11.47 -3.62 -19.71
N ILE B 43 -12.70 -3.31 -20.11
CA ILE B 43 -13.84 -3.45 -19.24
C ILE B 43 -14.89 -4.38 -19.91
N LYS B 44 -15.32 -5.36 -19.13
CA LYS B 44 -16.18 -6.35 -19.60
C LYS B 44 -17.41 -6.36 -18.70
N VAL B 45 -18.61 -6.20 -19.29
CA VAL B 45 -19.84 -6.15 -18.51
C VAL B 45 -20.75 -7.36 -18.87
N ILE B 46 -21.11 -8.17 -17.86
CA ILE B 46 -21.96 -9.31 -18.19
C ILE B 46 -23.27 -9.29 -17.39
N ASP B 47 -24.39 -9.31 -18.10
CA ASP B 47 -25.75 -9.23 -17.51
C ASP B 47 -26.68 -9.55 -18.70
N GLY B 48 -27.61 -10.46 -18.45
CA GLY B 48 -28.59 -10.90 -19.41
C GLY B 48 -29.79 -10.02 -19.68
N GLN B 49 -29.84 -8.81 -19.09
CA GLN B 49 -31.10 -8.06 -19.10
C GLN B 49 -31.21 -6.90 -20.04
N LYS B 50 -32.42 -6.67 -20.48
CA LYS B 50 -32.78 -5.61 -21.36
C LYS B 50 -33.25 -4.40 -20.58
N VAL B 51 -33.19 -3.22 -21.20
CA VAL B 51 -33.53 -1.99 -20.49
C VAL B 51 -35.04 -1.89 -20.39
N SER B 52 -35.60 -1.69 -19.23
CA SER B 52 -37.04 -1.50 -19.06
C SER B 52 -37.40 -0.05 -18.68
N ALA B 53 -38.68 0.27 -18.65
CA ALA B 53 -39.20 1.58 -18.25
C ALA B 53 -38.70 1.99 -16.87
N ASP B 54 -38.58 1.02 -15.96
CA ASP B 54 -38.09 1.35 -14.63
C ASP B 54 -36.60 1.69 -14.58
N ASP B 55 -35.86 1.31 -15.60
CA ASP B 55 -34.43 1.54 -15.59
C ASP B 55 -34.13 2.98 -15.95
N LEU B 56 -34.56 3.89 -15.11
CA LEU B 56 -34.66 5.32 -15.47
C LEU B 56 -33.32 5.92 -15.78
N ILE B 57 -32.33 5.67 -14.92
CA ILE B 57 -31.02 6.23 -15.08
C ILE B 57 -30.42 5.85 -16.48
N PHE B 58 -30.61 4.59 -16.91
CA PHE B 58 -30.37 4.19 -18.32
C PHE B 58 -31.13 5.08 -19.33
N ARG B 59 -32.44 5.18 -19.15
CA ARG B 59 -33.27 5.88 -20.17
C ARG B 59 -32.87 7.37 -20.24
N LEU B 60 -32.54 7.91 -19.07
CA LEU B 60 -32.13 9.28 -18.92
C LEU B 60 -30.83 9.53 -19.59
N MET B 61 -29.94 8.54 -19.57
CA MET B 61 -28.66 8.72 -20.19
C MET B 61 -28.74 8.40 -21.72
N GLY B 62 -29.90 7.97 -22.22
CA GLY B 62 -29.98 7.71 -23.62
C GLY B 62 -30.58 6.38 -24.07
N ALA B 63 -30.57 5.35 -23.24
CA ALA B 63 -30.83 3.97 -23.67
C ALA B 63 -32.29 3.74 -24.03
N LYS B 64 -32.55 2.90 -25.03
CA LYS B 64 -33.89 2.72 -25.51
C LYS B 64 -34.42 1.44 -24.89
N ILE B 65 -35.66 1.52 -24.46
CA ILE B 65 -36.35 0.45 -23.82
C ILE B 65 -36.23 -0.78 -24.72
N GLY B 66 -35.85 -1.90 -24.10
CA GLY B 66 -35.69 -3.22 -24.71
C GLY B 66 -34.29 -3.57 -25.24
N GLU B 67 -33.42 -2.57 -25.33
CA GLU B 67 -31.99 -2.73 -25.65
C GLU B 67 -31.31 -3.48 -24.50
N TYR B 68 -30.34 -4.34 -24.82
CA TYR B 68 -29.58 -4.92 -23.70
C TYR B 68 -28.85 -3.87 -22.91
N LYS B 69 -28.88 -3.97 -21.59
CA LYS B 69 -28.09 -3.09 -20.71
C LYS B 69 -26.66 -3.08 -21.14
N VAL B 70 -26.05 -4.26 -21.32
CA VAL B 70 -24.59 -4.27 -21.58
C VAL B 70 -24.29 -3.72 -23.00
N LYS B 71 -25.24 -3.85 -23.95
CA LYS B 71 -25.06 -3.27 -25.25
C LYS B 71 -25.10 -1.78 -25.12
N PHE B 72 -25.98 -1.29 -24.26
CA PHE B 72 -26.07 0.15 -24.12
C PHE B 72 -24.76 0.70 -23.56
N ILE B 73 -24.26 0.02 -22.56
CA ILE B 73 -23.07 0.45 -21.88
C ILE B 73 -21.92 0.42 -22.87
N GLU B 74 -21.94 -0.58 -23.73
CA GLU B 74 -20.88 -0.83 -24.69
C GLU B 74 -20.86 0.23 -25.70
N SER B 75 -22.03 0.70 -26.03
CA SER B 75 -22.22 1.64 -27.12
C SER B 75 -21.62 2.99 -26.80
N LEU B 76 -21.47 3.32 -25.54
CA LEU B 76 -20.79 4.56 -25.12
C LEU B 76 -19.28 4.62 -25.50
N ALA B 77 -18.66 3.45 -25.58
CA ALA B 77 -17.26 3.37 -26.14
C ALA B 77 -17.27 3.46 -27.70
N CYS B 78 -17.45 4.68 -28.20
CA CYS B 78 -17.50 4.94 -29.64
C CYS B 78 -16.11 4.78 -30.29
N ASP B 79 -15.89 5.07 -31.59
CA ASP B 79 -14.61 4.83 -32.26
C ASP B 79 -13.27 5.20 -31.58
N GLY B 80 -12.89 6.46 -31.58
CA GLY B 80 -11.62 6.79 -31.05
C GLY B 80 -11.38 6.39 -29.61
N PHE B 81 -12.32 5.68 -28.97
CA PHE B 81 -12.20 5.38 -27.57
C PHE B 81 -10.97 4.52 -27.37
N SER B 82 -10.18 4.99 -26.40
CA SER B 82 -8.95 4.32 -26.03
C SER B 82 -9.01 3.28 -24.93
N ARG B 83 -10.16 2.81 -24.49
CA ARG B 83 -10.18 1.61 -23.68
C ARG B 83 -11.17 0.68 -24.36
N THR B 84 -11.10 -0.60 -23.98
CA THR B 84 -11.85 -1.63 -24.62
C THR B 84 -13.08 -1.93 -23.79
N VAL B 85 -14.27 -1.74 -24.32
CA VAL B 85 -15.52 -2.10 -23.57
C VAL B 85 -16.33 -3.17 -24.26
N GLN B 86 -16.54 -4.27 -23.53
CA GLN B 86 -17.22 -5.44 -24.11
C GLN B 86 -18.48 -5.74 -23.29
N GLY B 87 -19.57 -5.87 -24.02
CA GLY B 87 -20.84 -6.12 -23.40
C GLY B 87 -21.16 -7.53 -23.72
N ILE B 88 -21.46 -8.37 -22.73
CA ILE B 88 -21.99 -9.70 -23.05
C ILE B 88 -23.38 -9.93 -22.49
N PRO B 89 -24.39 -9.84 -23.35
CA PRO B 89 -25.75 -10.03 -22.91
C PRO B 89 -26.12 -11.51 -22.63
N GLU B 90 -25.70 -12.02 -21.47
CA GLU B 90 -26.05 -13.35 -20.97
C GLU B 90 -25.94 -13.32 -19.47
N TYR B 91 -26.69 -14.21 -18.78
CA TYR B 91 -26.44 -14.38 -17.37
C TYR B 91 -25.25 -15.33 -17.11
N ILE B 92 -24.40 -15.01 -16.13
CA ILE B 92 -23.45 -15.94 -15.63
C ILE B 92 -24.11 -17.07 -14.78
N THR B 93 -23.66 -18.31 -15.03
CA THR B 93 -24.16 -19.50 -14.32
C THR B 93 -22.96 -20.42 -14.04
N GLY B 94 -23.17 -21.49 -13.25
CA GLY B 94 -22.11 -22.49 -13.05
C GLY B 94 -21.64 -23.11 -14.39
N ASP B 95 -22.45 -23.00 -15.45
CA ASP B 95 -22.22 -23.60 -16.74
C ASP B 95 -21.44 -22.76 -17.77
N ASN B 96 -21.45 -21.43 -17.58
CA ASN B 96 -20.70 -20.55 -18.46
C ASN B 96 -19.60 -19.69 -17.76
N LEU B 97 -19.01 -20.20 -16.70
CA LEU B 97 -18.05 -19.42 -15.91
C LEU B 97 -16.80 -19.13 -16.75
N ARG B 98 -16.76 -19.78 -17.93
CA ARG B 98 -15.83 -19.47 -19.04
C ARG B 98 -15.63 -17.95 -19.29
N LEU B 99 -16.78 -17.25 -19.20
CA LEU B 99 -16.86 -15.81 -19.40
C LEU B 99 -16.09 -15.02 -18.36
N ILE B 100 -15.82 -15.64 -17.23
CA ILE B 100 -15.18 -14.94 -16.12
C ILE B 100 -13.67 -14.98 -16.26
N GLY B 101 -13.02 -13.88 -16.64
CA GLY B 101 -11.57 -13.92 -16.97
C GLY B 101 -10.92 -12.54 -17.11
N GLY B 102 -9.86 -12.28 -16.37
CA GLY B 102 -9.21 -11.02 -16.43
C GLY B 102 -8.53 -10.89 -15.09
N ASP B 103 -8.29 -9.65 -14.62
CA ASP B 103 -7.47 -9.41 -13.47
C ASP B 103 -8.27 -9.14 -12.24
N VAL B 104 -9.37 -8.41 -12.38
CA VAL B 104 -10.28 -8.19 -11.27
C VAL B 104 -11.71 -8.58 -11.70
N VAL B 105 -12.49 -9.10 -10.75
CA VAL B 105 -13.90 -9.51 -10.96
C VAL B 105 -14.82 -8.89 -9.92
N CYS B 106 -15.92 -8.27 -10.32
CA CYS B 106 -16.73 -7.43 -9.44
C CYS B 106 -18.16 -7.82 -9.57
N VAL B 107 -18.71 -8.46 -8.54
CA VAL B 107 -20.04 -9.06 -8.63
C VAL B 107 -21.04 -8.10 -7.99
N GLU B 108 -22.00 -7.58 -8.74
CA GLU B 108 -22.88 -6.53 -8.28
C GLU B 108 -24.15 -6.92 -8.89
N ILE B 109 -24.67 -8.09 -8.51
CA ILE B 109 -25.87 -8.71 -9.18
C ILE B 109 -27.01 -8.72 -8.19
N ALA B 110 -28.25 -8.92 -8.68
CA ALA B 110 -29.42 -8.99 -7.77
C ALA B 110 -30.55 -9.77 -8.44
N GLY B 111 -31.41 -10.34 -7.60
CA GLY B 111 -32.55 -11.07 -8.12
C GLY B 111 -32.49 -12.54 -7.85
N GLY B 112 -33.35 -12.95 -6.94
CA GLY B 112 -33.34 -14.29 -6.43
C GLY B 112 -32.20 -14.57 -5.46
N ASP B 113 -31.81 -15.83 -5.36
CA ASP B 113 -30.70 -16.19 -4.50
C ASP B 113 -29.36 -16.19 -5.22
N THR B 114 -28.67 -15.04 -5.18
CA THR B 114 -27.40 -14.82 -5.89
C THR B 114 -26.12 -15.30 -5.21
N LEU B 115 -26.20 -15.65 -3.93
CA LEU B 115 -25.01 -16.05 -3.14
C LEU B 115 -24.30 -17.34 -3.59
N PRO B 116 -25.04 -18.43 -3.92
CA PRO B 116 -24.35 -19.57 -4.48
C PRO B 116 -23.44 -19.20 -5.68
N ILE B 117 -24.02 -18.52 -6.67
CA ILE B 117 -23.31 -18.14 -7.85
C ILE B 117 -22.19 -17.16 -7.51
N THR B 118 -22.36 -16.29 -6.51
CA THR B 118 -21.39 -15.25 -6.21
C THR B 118 -20.18 -16.03 -5.78
N THR B 119 -20.45 -17.07 -4.99
CA THR B 119 -19.41 -17.96 -4.51
C THR B 119 -18.70 -18.68 -5.66
N GLU B 120 -19.46 -19.27 -6.58
CA GLU B 120 -18.85 -20.01 -7.73
C GLU B 120 -18.00 -19.06 -8.59
N ILE B 121 -18.43 -17.83 -8.73
CA ILE B 121 -17.66 -16.87 -9.50
C ILE B 121 -16.39 -16.52 -8.73
N ILE B 122 -16.50 -16.15 -7.49
CA ILE B 122 -15.26 -15.93 -6.67
C ILE B 122 -14.27 -17.12 -6.70
N ARG B 123 -14.78 -18.35 -6.52
CA ARG B 123 -13.88 -19.51 -6.70
C ARG B 123 -13.24 -19.54 -8.09
N TYR B 124 -14.06 -19.56 -9.14
CA TYR B 124 -13.56 -19.67 -10.51
C TYR B 124 -12.57 -18.53 -10.83
N ALA B 125 -12.94 -17.30 -10.48
CA ALA B 125 -12.10 -16.17 -10.74
C ALA B 125 -10.80 -16.21 -9.92
N GLN B 126 -10.89 -16.57 -8.64
CA GLN B 126 -9.67 -16.59 -7.83
C GLN B 126 -8.70 -17.72 -8.21
N GLU B 127 -9.20 -18.83 -8.77
CA GLU B 127 -8.35 -19.94 -9.19
C GLU B 127 -7.53 -19.47 -10.36
N ARG B 128 -8.16 -18.68 -11.27
CA ARG B 128 -7.52 -18.15 -12.47
C ARG B 128 -6.88 -16.80 -12.21
N GLY B 129 -6.68 -16.55 -10.94
CA GLY B 129 -5.73 -15.50 -10.52
C GLY B 129 -6.34 -14.15 -10.24
N ALA B 130 -7.67 -14.03 -10.38
CA ALA B 130 -8.28 -12.70 -10.41
C ALA B 130 -8.49 -12.29 -8.95
N ALA B 131 -8.30 -11.03 -8.64
CA ALA B 131 -8.77 -10.48 -7.35
C ALA B 131 -10.30 -10.28 -7.43
N THR B 132 -11.02 -10.47 -6.31
CA THR B 132 -12.47 -10.54 -6.39
C THR B 132 -13.17 -9.61 -5.45
N ILE B 133 -14.37 -9.16 -5.83
CA ILE B 133 -15.06 -8.09 -5.02
C ILE B 133 -16.51 -8.21 -5.27
N SER B 134 -17.28 -7.94 -4.23
CA SER B 134 -18.67 -8.02 -4.34
C SER B 134 -19.35 -7.25 -3.24
N THR B 135 -20.67 -7.34 -3.20
CA THR B 135 -21.52 -6.49 -2.37
C THR B 135 -22.01 -7.19 -1.11
N MET B 136 -22.23 -6.40 -0.06
CA MET B 136 -22.61 -6.99 1.27
C MET B 136 -23.83 -6.30 1.88
N GLY B 137 -24.80 -6.01 1.03
CA GLY B 137 -25.99 -5.32 1.42
C GLY B 137 -25.87 -3.89 0.97
N VAL B 138 -26.76 -3.49 0.06
CA VAL B 138 -26.70 -2.14 -0.54
C VAL B 138 -28.04 -1.40 -0.35
N PHE B 139 -28.84 -1.92 0.59
CA PHE B 139 -30.03 -1.19 1.02
C PHE B 139 -29.63 0.00 1.88
N GLY B 140 -30.52 0.97 1.92
CA GLY B 140 -30.36 2.18 2.65
C GLY B 140 -30.98 3.37 1.88
N ILE B 141 -31.22 4.43 2.65
CA ILE B 141 -32.13 5.50 2.29
C ILE B 141 -31.35 6.76 1.96
N GLY B 142 -30.03 6.72 2.12
CA GLY B 142 -29.29 7.92 1.66
C GLY B 142 -28.09 8.25 2.51
N GLU B 143 -28.25 8.12 3.81
CA GLU B 143 -27.37 8.59 4.85
C GLU B 143 -26.30 7.59 5.27
N GLU B 144 -26.62 6.31 5.14
CA GLU B 144 -25.97 5.20 5.71
C GLU B 144 -24.55 5.24 5.31
N ASP B 145 -23.72 4.31 5.77
CA ASP B 145 -22.36 4.61 5.48
C ASP B 145 -21.56 3.69 4.63
N VAL B 146 -20.80 4.28 3.73
CA VAL B 146 -19.72 3.69 2.89
C VAL B 146 -18.85 2.46 3.32
N SER B 147 -19.32 1.36 3.87
CA SER B 147 -18.26 0.58 4.47
C SER B 147 -17.62 -0.60 3.63
N VAL B 148 -16.34 -0.84 3.97
CA VAL B 148 -15.41 -1.68 3.27
C VAL B 148 -14.69 -2.61 4.24
N VAL B 149 -14.61 -3.90 3.90
CA VAL B 149 -13.99 -4.88 4.78
C VAL B 149 -13.51 -6.07 3.92
N ASP B 150 -12.38 -6.72 4.26
CA ASP B 150 -12.10 -8.00 3.62
C ASP B 150 -12.95 -9.01 4.31
N ILE B 151 -13.28 -10.12 3.64
CA ILE B 151 -14.09 -11.19 4.26
C ILE B 151 -13.66 -11.63 5.65
N ASP B 152 -12.35 -11.78 5.85
CA ASP B 152 -11.81 -12.25 7.10
C ASP B 152 -11.97 -11.38 8.33
N GLU B 153 -12.51 -10.19 8.16
CA GLU B 153 -12.67 -9.32 9.28
C GLU B 153 -14.05 -8.77 9.35
N ALA B 154 -14.95 -9.49 8.69
CA ALA B 154 -16.33 -9.02 8.53
C ALA B 154 -17.20 -9.61 9.63
N ASP B 155 -18.22 -8.91 10.10
CA ASP B 155 -19.29 -9.48 10.90
C ASP B 155 -19.99 -10.67 10.23
N PRO B 156 -19.73 -11.87 10.79
CA PRO B 156 -20.27 -13.11 10.23
C PRO B 156 -21.80 -13.33 10.44
N GLU B 157 -22.47 -12.45 11.19
CA GLU B 157 -23.94 -12.45 11.24
C GLU B 157 -24.48 -12.09 9.89
N ASN B 158 -23.77 -11.19 9.21
CA ASN B 158 -24.11 -10.78 7.85
C ASN B 158 -24.15 -11.96 6.89
N PRO B 159 -25.35 -12.23 6.34
CA PRO B 159 -25.68 -13.37 5.46
C PRO B 159 -24.71 -13.61 4.32
N ILE B 160 -24.18 -12.52 3.78
CA ILE B 160 -23.31 -12.65 2.64
C ILE B 160 -21.95 -13.21 3.09
N ALA B 161 -21.38 -12.56 4.11
CA ALA B 161 -20.21 -13.01 4.82
C ALA B 161 -20.41 -14.48 5.25
N ALA B 162 -21.51 -14.75 5.94
CA ALA B 162 -21.81 -16.07 6.46
C ALA B 162 -21.69 -17.16 5.38
N TYR B 163 -22.45 -17.00 4.28
CA TYR B 163 -22.28 -17.88 3.15
C TYR B 163 -20.82 -18.00 2.63
N LEU B 164 -20.18 -16.87 2.33
CA LEU B 164 -18.81 -16.90 1.70
C LEU B 164 -17.74 -17.49 2.61
N GLN B 165 -17.85 -17.20 3.90
CA GLN B 165 -16.92 -17.79 4.84
C GLN B 165 -17.11 -19.30 4.93
N ALA B 166 -18.38 -19.73 4.93
CA ALA B 166 -18.72 -21.13 5.08
C ALA B 166 -18.23 -21.93 3.89
N GLU B 167 -18.01 -21.28 2.75
CA GLU B 167 -17.46 -21.94 1.52
C GLU B 167 -15.92 -21.79 1.50
N GLY B 168 -15.40 -21.15 2.53
CA GLY B 168 -13.97 -21.02 2.72
C GLY B 168 -13.32 -19.99 1.86
N ILE B 169 -14.04 -18.89 1.54
CA ILE B 169 -13.57 -17.78 0.73
C ILE B 169 -12.70 -16.87 1.58
N HIS B 170 -11.57 -16.48 1.01
CA HIS B 170 -10.59 -15.65 1.69
C HIS B 170 -10.08 -14.64 0.64
N GLU B 171 -9.33 -13.62 1.07
CA GLU B 171 -8.77 -12.57 0.17
C GLU B 171 -9.87 -12.00 -0.76
N HIS B 172 -10.97 -11.52 -0.17
CA HIS B 172 -12.10 -11.04 -0.94
C HIS B 172 -12.68 -9.76 -0.27
N VAL B 173 -12.86 -8.67 -1.04
CA VAL B 173 -13.27 -7.38 -0.45
C VAL B 173 -14.78 -7.28 -0.58
N LEU B 174 -15.46 -6.88 0.47
CA LEU B 174 -16.87 -6.65 0.39
C LEU B 174 -17.19 -5.19 0.70
N VAL B 175 -18.22 -4.75 -0.01
CA VAL B 175 -18.65 -3.35 -0.03
C VAL B 175 -20.15 -3.29 0.07
N GLY B 176 -20.59 -2.42 0.98
CA GLY B 176 -21.96 -2.20 1.16
C GLY B 176 -22.26 -1.26 2.26
N THR B 177 -23.58 -1.08 2.39
CA THR B 177 -24.09 -0.47 3.58
C THR B 177 -24.27 -1.43 4.75
N GLY B 178 -24.40 -2.72 4.41
CA GLY B 178 -24.70 -3.76 5.36
C GLY B 178 -26.21 -3.96 5.54
N LYS B 179 -27.09 -3.03 5.10
CA LYS B 179 -28.52 -3.26 5.23
C LYS B 179 -29.05 -4.18 4.16
N LEU B 180 -30.03 -4.99 4.51
CA LEU B 180 -30.33 -6.18 3.73
C LEU B 180 -31.72 -6.29 3.23
N ILE B 181 -32.02 -7.42 2.62
CA ILE B 181 -33.39 -7.64 2.21
C ILE B 181 -34.40 -7.62 3.38
N ARG B 182 -34.04 -8.25 4.50
CA ARG B 182 -34.90 -8.25 5.71
C ARG B 182 -35.05 -6.89 6.38
N ASP B 183 -34.12 -5.94 6.19
CA ASP B 183 -34.32 -4.58 6.72
C ASP B 183 -35.42 -3.81 5.98
N TRP B 184 -35.97 -2.79 6.63
CA TRP B 184 -37.09 -2.06 6.06
C TRP B 184 -36.64 -1.14 4.91
N GLU B 185 -35.41 -0.64 5.00
CA GLU B 185 -34.89 0.29 3.95
C GLU B 185 -34.97 -0.28 2.53
N PRO B 186 -35.34 0.59 1.53
CA PRO B 186 -35.30 0.23 0.10
C PRO B 186 -33.89 0.50 -0.49
N VAL B 187 -33.78 0.48 -1.81
CA VAL B 187 -32.61 0.84 -2.52
C VAL B 187 -32.87 2.26 -3.10
N THR B 188 -31.96 3.21 -2.81
CA THR B 188 -32.12 4.62 -3.26
C THR B 188 -30.97 5.00 -4.23
N PRO B 189 -31.13 6.08 -5.04
CA PRO B 189 -29.99 6.35 -5.92
C PRO B 189 -28.70 6.81 -5.24
N HIS B 190 -28.85 7.62 -4.19
CA HIS B 190 -27.70 8.24 -3.58
C HIS B 190 -26.85 7.21 -2.94
N VAL B 191 -27.47 6.19 -2.30
CA VAL B 191 -26.70 5.16 -1.61
C VAL B 191 -25.88 4.42 -2.64
N LEU B 192 -26.51 4.06 -3.75
CA LEU B 192 -25.85 3.40 -4.86
C LEU B 192 -24.71 4.23 -5.40
N ASP B 193 -24.88 5.56 -5.54
CA ASP B 193 -23.83 6.41 -6.02
C ASP B 193 -22.61 6.25 -5.10
N ARG B 194 -22.85 6.26 -3.81
CA ARG B 194 -21.78 6.24 -2.85
C ARG B 194 -21.19 4.81 -2.79
N VAL B 195 -22.03 3.78 -2.88
CA VAL B 195 -21.49 2.40 -3.06
C VAL B 195 -20.63 2.27 -4.35
N SER B 196 -21.13 2.81 -5.46
CA SER B 196 -20.39 2.75 -6.75
C SER B 196 -19.02 3.49 -6.72
N GLU B 197 -18.99 4.60 -6.00
CA GLU B 197 -17.82 5.46 -5.91
C GLU B 197 -16.82 4.69 -5.10
N VAL B 198 -17.31 4.05 -4.04
CA VAL B 198 -16.41 3.27 -3.14
C VAL B 198 -15.96 1.99 -3.82
N MET B 199 -16.88 1.29 -4.49
CA MET B 199 -16.54 0.11 -5.26
C MET B 199 -15.46 0.43 -6.30
N THR B 200 -15.58 1.62 -6.96
CA THR B 200 -14.58 2.03 -7.95
C THR B 200 -13.20 2.23 -7.27
N ALA B 201 -13.21 2.83 -6.08
CA ALA B 201 -11.97 2.91 -5.26
C ALA B 201 -11.31 1.56 -4.99
N GLU B 202 -12.13 0.62 -4.67
CA GLU B 202 -11.65 -0.65 -4.23
C GLU B 202 -11.13 -1.46 -5.39
N ILE B 203 -11.81 -1.31 -6.51
CA ILE B 203 -11.35 -1.92 -7.75
C ILE B 203 -10.00 -1.38 -8.13
N LEU B 204 -9.82 -0.06 -8.07
CA LEU B 204 -8.53 0.45 -8.47
C LEU B 204 -7.38 -0.08 -7.61
N LYS B 205 -7.64 -0.33 -6.31
CA LYS B 205 -6.68 -0.95 -5.43
C LYS B 205 -6.27 -2.31 -5.91
N LEU B 206 -7.28 -3.12 -6.26
CA LEU B 206 -7.08 -4.53 -6.62
C LEU B 206 -6.29 -4.60 -7.91
N LEU B 207 -6.58 -3.61 -8.74
CA LEU B 207 -5.98 -3.43 -10.06
C LEU B 207 -4.49 -3.17 -9.89
N ARG B 208 -4.14 -2.39 -8.85
CA ARG B 208 -2.75 -2.12 -8.51
C ARG B 208 -2.08 -3.41 -8.22
N GLY B 209 -2.77 -4.27 -7.44
CA GLY B 209 -2.41 -5.71 -7.30
C GLY B 209 -1.99 -6.36 -8.62
N ALA B 210 -2.59 -5.92 -9.72
CA ALA B 210 -2.10 -6.38 -11.04
C ALA B 210 -0.73 -5.76 -11.48
N GLN B 211 -0.08 -4.98 -10.60
CA GLN B 211 1.38 -4.85 -10.61
C GLN B 211 1.97 -5.71 -9.46
N GLU C 7 3.59 42.51 17.89
CA GLU C 7 3.14 42.43 16.55
C GLU C 7 2.73 40.94 16.35
N GLY C 8 3.53 40.10 15.67
CA GLY C 8 3.22 38.67 15.53
C GLY C 8 4.49 37.80 15.63
N LYS C 9 4.39 36.67 16.36
CA LYS C 9 5.60 36.02 16.85
C LYS C 9 5.51 34.53 16.68
N LYS C 10 6.44 34.01 15.88
CA LYS C 10 6.47 32.62 15.60
C LYS C 10 7.61 31.93 16.31
N VAL C 11 7.32 30.75 16.83
CA VAL C 11 8.10 29.99 17.84
C VAL C 11 8.82 28.80 17.15
N PRO C 12 9.76 28.13 17.86
CA PRO C 12 10.15 26.79 17.33
C PRO C 12 8.89 25.88 17.35
N HIS C 13 8.78 24.92 16.45
CA HIS C 13 7.73 23.94 16.59
C HIS C 13 8.26 22.64 16.02
N GLY C 14 7.95 21.51 16.56
CA GLY C 14 8.37 20.33 15.81
C GLY C 14 9.44 19.62 16.55
N GLU C 15 9.63 18.32 16.32
CA GLU C 15 10.74 17.60 16.87
C GLU C 15 11.51 17.05 15.70
N VAL C 16 12.83 17.25 15.72
CA VAL C 16 13.71 16.65 14.69
C VAL C 16 14.65 15.74 15.41
N THR C 17 14.77 14.56 14.85
CA THR C 17 15.79 13.66 15.18
C THR C 17 16.90 13.73 14.14
N LEU C 18 18.16 13.76 14.57
CA LEU C 18 19.34 13.65 13.71
C LEU C 18 19.96 12.35 14.02
N VAL C 19 19.90 11.43 13.09
CA VAL C 19 20.60 10.18 13.41
C VAL C 19 21.90 10.27 12.68
N GLY C 20 23.00 10.27 13.45
CA GLY C 20 24.39 10.49 12.88
C GLY C 20 24.87 11.93 13.05
N ALA C 21 26.02 12.13 13.73
CA ALA C 21 26.46 13.47 14.13
C ALA C 21 27.94 13.64 14.05
N GLY C 22 28.47 13.20 12.91
CA GLY C 22 29.90 13.32 12.61
C GLY C 22 30.14 14.63 11.90
N ARG C 23 31.23 14.68 11.11
CA ARG C 23 31.46 15.84 10.22
C ARG C 23 30.18 16.40 9.55
N LEU C 24 29.27 15.52 9.14
CA LEU C 24 28.04 15.96 8.53
C LEU C 24 26.95 16.32 9.55
N GLY C 25 26.58 15.31 10.37
CA GLY C 25 25.48 15.50 11.30
C GLY C 25 25.66 16.63 12.26
N PHE C 26 26.85 16.79 12.78
CA PHE C 26 27.20 17.92 13.66
C PHE C 26 26.97 19.26 12.97
N ARG C 27 27.41 19.46 11.71
CA ARG C 27 27.13 20.71 10.95
C ARG C 27 25.64 20.93 10.82
N THR C 28 24.89 19.87 10.63
CA THR C 28 23.47 20.05 10.52
C THR C 28 22.90 20.46 11.88
N ALA C 29 23.38 19.82 12.94
CA ALA C 29 22.99 20.21 14.35
C ALA C 29 23.22 21.70 14.58
N LEU C 30 24.43 22.18 14.19
CA LEU C 30 24.71 23.60 14.35
C LEU C 30 23.77 24.50 13.60
N ASN C 31 23.51 24.10 12.38
CA ASN C 31 22.50 24.86 11.61
C ASN C 31 21.16 24.95 12.29
N LEU C 32 20.67 23.81 12.74
CA LEU C 32 19.34 23.76 13.27
C LEU C 32 19.32 24.59 14.52
N MET C 33 20.43 24.59 15.27
CA MET C 33 20.37 25.24 16.58
C MET C 33 20.34 26.75 16.42
N GLN C 34 20.76 27.27 15.27
CA GLN C 34 20.83 28.70 15.10
C GLN C 34 19.59 29.42 14.57
N ILE C 35 18.63 28.64 14.11
CA ILE C 35 17.54 29.13 13.30
C ILE C 35 16.58 29.93 14.15
N HIS C 36 16.13 31.08 13.65
CA HIS C 36 15.40 32.00 14.55
C HIS C 36 14.09 32.40 13.92
N ARG C 37 13.09 32.62 14.80
CA ARG C 37 11.71 32.70 14.40
C ARG C 37 11.31 31.41 13.60
N GLY C 38 11.64 30.25 14.17
CA GLY C 38 11.29 28.97 13.57
C GLY C 38 12.24 27.83 13.79
N GLY C 39 12.24 26.89 12.86
CA GLY C 39 12.84 25.58 13.08
C GLY C 39 12.14 24.74 14.13
N PRO C 40 12.70 23.58 14.48
CA PRO C 40 12.10 22.67 15.45
C PRO C 40 12.20 23.12 16.87
N GLU C 41 11.26 22.71 17.70
CA GLU C 41 11.34 22.96 19.13
C GLU C 41 12.17 21.88 19.83
N ARG C 42 12.16 20.65 19.30
CA ARG C 42 12.74 19.54 20.08
C ARG C 42 13.79 18.94 19.16
N ILE C 43 15.04 18.73 19.60
CA ILE C 43 16.13 18.44 18.64
C ILE C 43 16.95 17.28 19.21
N LYS C 44 16.89 16.13 18.52
CA LYS C 44 17.35 14.89 19.09
C LYS C 44 18.52 14.43 18.26
N VAL C 45 19.68 14.18 18.88
CA VAL C 45 20.85 13.83 18.11
C VAL C 45 21.41 12.49 18.62
N ILE C 46 21.53 11.52 17.71
CA ILE C 46 21.86 10.20 18.14
C ILE C 46 23.10 9.76 17.44
N ASP C 47 24.17 9.42 18.18
CA ASP C 47 25.43 8.95 17.56
C ASP C 47 26.28 8.34 18.66
N GLY C 48 26.94 7.25 18.33
CA GLY C 48 27.66 6.49 19.36
C GLY C 48 29.11 6.80 19.53
N GLN C 49 29.62 7.78 18.78
CA GLN C 49 31.04 8.04 18.76
C GLN C 49 31.53 9.21 19.62
N LYS C 50 32.78 9.08 20.07
CA LYS C 50 33.50 10.02 20.86
C LYS C 50 34.32 10.95 19.96
N VAL C 51 34.57 12.15 20.43
CA VAL C 51 35.49 13.05 19.76
C VAL C 51 36.93 12.49 19.71
N SER C 52 37.55 12.46 18.53
CA SER C 52 38.96 12.08 18.39
C SER C 52 39.80 13.22 17.92
N ALA C 53 41.10 12.95 17.87
CA ALA C 53 42.07 13.90 17.39
C ALA C 53 41.77 14.40 15.96
N ASP C 54 41.18 13.54 15.15
CA ASP C 54 40.83 13.97 13.80
C ASP C 54 39.59 14.84 13.62
N ASP C 55 38.81 14.98 14.68
CA ASP C 55 37.59 15.73 14.64
C ASP C 55 37.88 17.24 14.86
N LEU C 56 38.63 17.81 13.90
CA LEU C 56 39.19 19.16 14.03
C LEU C 56 38.08 20.16 14.17
N ILE C 57 36.98 19.91 13.42
CA ILE C 57 35.80 20.82 13.44
C ILE C 57 35.20 20.92 14.87
N PHE C 58 35.10 19.78 15.54
CA PHE C 58 34.72 19.65 16.95
C PHE C 58 35.76 20.30 17.84
N ARG C 59 37.05 20.01 17.66
CA ARG C 59 38.02 20.58 18.58
C ARG C 59 38.12 22.11 18.45
N LEU C 60 37.93 22.59 17.24
CA LEU C 60 37.86 24.05 17.03
C LEU C 60 36.60 24.63 17.60
N MET C 61 35.53 23.86 17.75
CA MET C 61 34.38 24.37 18.47
C MET C 61 34.49 24.32 19.97
N GLY C 62 35.62 23.85 20.49
CA GLY C 62 35.75 23.65 21.91
C GLY C 62 35.74 22.19 22.46
N ALA C 63 35.36 21.22 21.62
CA ALA C 63 35.27 19.86 22.09
C ALA C 63 36.60 19.29 22.51
N LYS C 64 36.61 18.46 23.57
CA LYS C 64 37.84 17.75 23.97
C LYS C 64 37.73 16.30 23.54
N ILE C 65 38.78 15.77 22.94
CA ILE C 65 38.97 14.32 22.66
C ILE C 65 38.50 13.36 23.77
N GLY C 66 37.66 12.39 23.39
CA GLY C 66 37.12 11.39 24.32
C GLY C 66 35.72 11.68 24.86
N GLU C 67 35.29 12.94 24.83
CA GLU C 67 33.90 13.33 25.10
C GLU C 67 32.95 12.82 23.95
N TYR C 68 31.76 12.43 24.26
CA TYR C 68 30.83 12.00 23.21
C TYR C 68 30.47 13.21 22.35
N LYS C 69 30.51 13.05 21.01
CA LYS C 69 29.96 14.00 20.04
C LYS C 69 28.62 14.63 20.46
N VAL C 70 27.64 13.78 20.70
CA VAL C 70 26.28 14.22 21.03
C VAL C 70 26.22 15.02 22.32
N LYS C 71 27.09 14.68 23.24
CA LYS C 71 27.20 15.30 24.53
C LYS C 71 27.79 16.67 24.40
N PHE C 72 28.85 16.83 23.58
CA PHE C 72 29.27 18.18 23.21
C PHE C 72 28.14 19.00 22.59
N ILE C 73 27.49 18.44 21.57
CA ILE C 73 26.41 19.16 20.88
C ILE C 73 25.31 19.64 21.87
N GLU C 74 24.90 18.72 22.73
CA GLU C 74 23.95 19.02 23.77
C GLU C 74 24.42 20.13 24.69
N SER C 75 25.71 20.17 24.94
CA SER C 75 26.21 21.02 25.97
C SER C 75 26.16 22.45 25.55
N LEU C 76 26.23 22.73 24.26
CA LEU C 76 26.07 24.12 23.75
C LEU C 76 24.65 24.63 23.99
N ALA C 77 23.61 23.81 24.12
CA ALA C 77 22.31 24.33 24.62
C ALA C 77 22.40 24.43 26.15
N CYS C 78 23.08 25.46 26.61
CA CYS C 78 23.39 25.64 28.02
C CYS C 78 22.13 26.06 28.79
N ASP C 79 22.28 26.28 30.14
CA ASP C 79 21.23 26.76 31.04
C ASP C 79 20.18 27.80 30.67
N GLY C 80 20.26 28.39 29.49
CA GLY C 80 19.15 29.24 29.09
C GLY C 80 18.56 29.11 27.69
N PHE C 81 18.91 28.04 26.98
CA PHE C 81 18.71 27.96 25.52
C PHE C 81 17.24 27.75 25.30
N SER C 82 16.63 28.38 24.30
CA SER C 82 15.15 28.24 24.17
C SER C 82 14.63 26.97 23.57
N ARG C 83 15.46 26.24 22.85
CA ARG C 83 15.03 24.97 22.37
C ARG C 83 15.62 23.85 23.17
N THR C 84 15.04 22.66 23.03
CA THR C 84 15.52 21.48 23.74
C THR C 84 16.44 20.70 22.81
N VAL C 85 17.65 20.44 23.31
CA VAL C 85 18.61 19.58 22.62
C VAL C 85 18.94 18.35 23.48
N GLN C 86 18.72 17.17 22.93
CA GLN C 86 19.03 15.92 23.63
C GLN C 86 20.00 15.16 22.79
N GLY C 87 21.11 14.80 23.42
CA GLY C 87 22.08 13.88 22.79
C GLY C 87 21.95 12.48 23.35
N ILE C 88 21.96 11.46 22.52
CA ILE C 88 22.02 10.07 22.96
C ILE C 88 23.24 9.38 22.36
N PRO C 89 24.22 9.00 23.22
CA PRO C 89 25.53 8.52 22.79
C PRO C 89 25.53 7.07 22.46
N GLU C 90 24.67 6.68 21.52
CA GLU C 90 24.53 5.29 21.17
C GLU C 90 24.41 5.17 19.73
N TYR C 91 24.89 4.04 19.23
CA TYR C 91 24.67 3.66 17.83
C TYR C 91 23.27 3.14 17.70
N ILE C 92 22.65 3.39 16.58
CA ILE C 92 21.32 2.81 16.40
C ILE C 92 21.50 1.39 15.90
N THR C 93 20.86 0.45 16.61
CA THR C 93 20.95 -0.99 16.29
C THR C 93 19.56 -1.55 16.10
N GLY C 94 19.47 -2.80 15.67
CA GLY C 94 18.19 -3.53 15.64
C GLY C 94 17.49 -3.52 16.96
N ASP C 95 18.24 -3.35 18.07
CA ASP C 95 17.65 -3.39 19.41
C ASP C 95 17.06 -2.12 20.01
N ASN C 96 17.31 -0.94 19.37
CA ASN C 96 16.82 0.36 19.86
C ASN C 96 16.15 1.32 18.90
N LEU C 97 15.47 0.85 17.84
CA LEU C 97 14.74 1.82 17.02
C LEU C 97 13.68 2.69 17.75
N ARG C 98 13.34 2.33 18.97
CA ARG C 98 12.40 3.13 19.77
C ARG C 98 12.92 4.58 19.98
N LEU C 99 14.21 4.74 19.75
CA LEU C 99 14.88 6.03 19.79
C LEU C 99 14.50 6.90 18.62
N ILE C 100 13.91 6.28 17.61
CA ILE C 100 13.53 6.97 16.40
C ILE C 100 12.10 7.49 16.53
N GLY C 101 11.93 8.81 16.61
CA GLY C 101 10.59 9.39 16.56
C GLY C 101 10.55 10.87 16.31
N GLY C 102 9.63 11.59 16.88
CA GLY C 102 9.53 13.01 16.59
C GLY C 102 8.68 13.29 15.37
N ASP C 103 8.87 14.47 14.79
CA ASP C 103 8.18 14.90 13.54
C ASP C 103 9.03 14.66 12.27
N VAL C 104 10.33 14.92 12.30
CA VAL C 104 11.11 14.85 11.09
C VAL C 104 12.36 14.15 11.49
N VAL C 105 12.82 13.29 10.64
CA VAL C 105 14.03 12.52 10.92
C VAL C 105 15.03 12.71 9.77
N CYS C 106 16.28 13.00 10.15
CA CYS C 106 17.39 13.03 9.23
C CYS C 106 18.39 11.99 9.57
N VAL C 107 18.70 11.08 8.62
CA VAL C 107 19.83 10.17 8.79
C VAL C 107 20.99 10.69 7.99
N GLU C 108 22.12 10.91 8.68
CA GLU C 108 23.39 11.29 8.05
C GLU C 108 24.49 10.40 8.58
N ILE C 109 24.50 9.13 8.18
CA ILE C 109 25.41 8.13 8.85
C ILE C 109 26.50 7.65 7.90
N ALA C 110 27.59 7.10 8.43
CA ALA C 110 28.80 6.73 7.66
C ALA C 110 29.65 5.75 8.38
N GLY C 111 30.15 4.78 7.64
CA GLY C 111 31.17 3.92 8.22
C GLY C 111 30.76 2.49 8.20
N GLY C 112 31.60 1.66 7.55
CA GLY C 112 31.32 0.27 7.18
C GLY C 112 30.05 0.21 6.36
N ASP C 113 29.29 -0.84 6.56
CA ASP C 113 27.97 -0.91 5.99
C ASP C 113 26.81 -0.40 6.91
N THR C 114 26.13 0.65 6.45
CA THR C 114 24.95 1.25 7.09
C THR C 114 23.51 0.89 6.58
N LEU C 115 23.38 0.18 5.48
CA LEU C 115 22.06 0.04 4.79
C LEU C 115 20.89 -0.77 5.43
N PRO C 116 21.19 -1.93 6.07
CA PRO C 116 20.09 -2.56 6.84
C PRO C 116 19.40 -1.61 7.89
N ILE C 117 20.22 -0.94 8.67
CA ILE C 117 19.69 0.05 9.65
C ILE C 117 19.02 1.28 8.98
N THR C 118 19.56 1.70 7.85
CA THR C 118 18.99 2.83 7.13
C THR C 118 17.53 2.54 6.75
N THR C 119 17.35 1.37 6.15
CA THR C 119 16.05 0.97 5.69
C THR C 119 15.06 0.86 6.87
N GLU C 120 15.55 0.28 7.97
CA GLU C 120 14.67 -0.02 9.10
C GLU C 120 14.16 1.29 9.65
N ILE C 121 15.08 2.27 9.65
CA ILE C 121 14.79 3.58 10.14
C ILE C 121 13.68 4.23 9.31
N ILE C 122 13.77 4.27 7.98
CA ILE C 122 12.74 5.02 7.22
C ILE C 122 11.39 4.32 7.42
N ARG C 123 11.44 3.00 7.46
CA ARG C 123 10.25 2.19 7.68
C ARG C 123 9.59 2.53 9.06
N TYR C 124 10.38 2.44 10.15
CA TYR C 124 9.91 2.60 11.55
C TYR C 124 9.33 4.01 11.70
N ALA C 125 10.07 4.96 11.16
CA ALA C 125 9.71 6.38 11.25
C ALA C 125 8.41 6.70 10.52
N GLN C 126 8.24 6.17 9.31
CA GLN C 126 6.99 6.45 8.58
C GLN C 126 5.86 5.64 9.28
N GLU C 127 6.22 4.56 9.99
CA GLU C 127 5.28 3.85 10.87
C GLU C 127 4.78 4.76 12.03
N ARG C 128 5.60 5.67 12.55
CA ARG C 128 5.17 6.59 13.60
C ARG C 128 4.89 7.99 13.02
N GLY C 129 4.57 8.02 11.72
CA GLY C 129 4.04 9.23 11.00
C GLY C 129 5.07 10.33 10.63
N ALA C 130 6.36 9.99 10.57
CA ALA C 130 7.42 11.00 10.58
C ALA C 130 7.90 11.10 9.20
N ALA C 131 8.08 12.32 8.70
CA ALA C 131 8.71 12.54 7.38
C ALA C 131 10.22 12.27 7.50
N THR C 132 10.83 11.92 6.38
CA THR C 132 12.18 11.36 6.38
C THR C 132 13.05 11.98 5.33
N ILE C 133 14.32 12.02 5.70
CA ILE C 133 15.37 12.52 4.87
C ILE C 133 16.62 11.77 5.21
N SER C 134 17.45 11.56 4.17
CA SER C 134 18.76 10.90 4.19
C SER C 134 19.48 11.38 2.97
N THR C 135 20.62 10.77 2.74
CA THR C 135 21.53 11.24 1.72
C THR C 135 21.64 10.35 0.47
N MET C 136 22.27 10.91 -0.56
CA MET C 136 22.48 10.20 -1.80
C MET C 136 23.85 10.67 -2.22
N GLY C 137 24.80 10.39 -1.35
CA GLY C 137 26.18 10.71 -1.68
C GLY C 137 26.85 11.98 -1.16
N VAL C 138 27.72 11.75 -0.15
CA VAL C 138 28.54 12.84 0.40
C VAL C 138 30.08 12.79 0.17
N PHE C 139 30.64 11.87 -0.64
CA PHE C 139 32.06 12.08 -1.00
C PHE C 139 32.26 13.21 -2.03
N GLY C 140 33.46 13.76 -2.12
CA GLY C 140 33.73 14.90 -2.95
C GLY C 140 34.86 15.86 -2.56
N ILE C 141 35.38 16.55 -3.57
CA ILE C 141 36.32 17.65 -3.42
C ILE C 141 35.33 18.82 -3.38
N GLY C 142 35.74 20.05 -3.54
CA GLY C 142 34.81 21.18 -3.58
C GLY C 142 33.40 21.30 -4.25
N GLU C 143 33.29 20.95 -5.52
CA GLU C 143 32.19 21.47 -6.34
C GLU C 143 31.02 20.60 -6.58
N GLU C 144 31.20 19.31 -6.73
CA GLU C 144 30.12 18.40 -7.13
C GLU C 144 28.87 18.81 -6.42
N ASP C 145 27.74 18.70 -7.09
CA ASP C 145 26.55 19.49 -6.73
C ASP C 145 25.63 18.96 -5.66
N VAL C 146 24.79 19.86 -5.18
CA VAL C 146 23.88 19.53 -4.11
C VAL C 146 22.58 19.17 -4.81
N SER C 147 22.11 17.95 -4.60
CA SER C 147 20.90 17.53 -5.28
C SER C 147 19.81 17.33 -4.30
N VAL C 148 18.64 17.82 -4.62
CA VAL C 148 17.47 17.64 -3.80
C VAL C 148 16.39 16.96 -4.64
N VAL C 149 15.66 16.00 -4.05
CA VAL C 149 14.92 15.07 -4.91
C VAL C 149 13.74 14.48 -4.20
N ASP C 150 13.24 13.35 -4.63
CA ASP C 150 12.05 12.77 -4.05
C ASP C 150 12.13 11.26 -4.36
N ILE C 151 12.94 10.55 -3.56
CA ILE C 151 13.18 9.10 -3.73
C ILE C 151 13.25 8.64 -5.20
N ASP C 152 12.29 7.96 -5.78
CA ASP C 152 12.63 7.58 -7.21
C ASP C 152 12.29 8.62 -8.28
N GLU C 153 13.03 9.70 -8.25
CA GLU C 153 13.59 10.24 -9.46
C GLU C 153 15.09 9.95 -9.36
N ALA C 154 15.53 9.38 -8.21
CA ALA C 154 16.98 9.21 -7.92
C ALA C 154 17.60 8.03 -8.66
N ASP C 155 18.89 8.10 -8.98
CA ASP C 155 19.60 7.04 -9.73
C ASP C 155 19.57 5.63 -9.09
N PRO C 156 18.98 4.67 -9.80
CA PRO C 156 18.92 3.29 -9.30
C PRO C 156 20.24 2.47 -9.32
N GLU C 157 21.27 2.96 -10.07
CA GLU C 157 22.66 2.43 -10.00
C GLU C 157 23.31 2.64 -8.66
N ASN C 158 22.82 3.70 -8.00
CA ASN C 158 23.32 4.11 -6.76
C ASN C 158 23.04 3.11 -5.63
N PRO C 159 24.16 2.75 -4.90
CA PRO C 159 24.04 1.74 -3.81
C PRO C 159 22.99 1.91 -2.70
N ILE C 160 22.78 3.13 -2.17
CA ILE C 160 21.74 3.32 -1.16
C ILE C 160 20.38 3.13 -1.79
N ALA C 161 20.15 3.78 -2.94
CA ALA C 161 18.87 3.64 -3.64
C ALA C 161 18.63 2.16 -4.01
N ALA C 162 19.70 1.47 -4.43
CA ALA C 162 19.61 0.05 -4.74
C ALA C 162 19.01 -0.66 -3.54
N TYR C 163 19.56 -0.36 -2.38
CA TYR C 163 19.23 -1.10 -1.20
C TYR C 163 17.84 -0.77 -0.75
N LEU C 164 17.52 0.51 -0.67
CA LEU C 164 16.15 1.00 -0.42
C LEU C 164 14.99 0.57 -1.34
N GLN C 165 15.12 0.76 -2.67
CA GLN C 165 14.03 0.27 -3.49
C GLN C 165 14.02 -1.24 -3.65
N ALA C 166 15.15 -1.92 -3.53
CA ALA C 166 15.01 -3.39 -3.34
C ALA C 166 14.04 -3.63 -2.22
N GLU C 167 14.08 -2.81 -1.17
CA GLU C 167 13.00 -2.88 -0.18
C GLU C 167 11.82 -1.92 -0.45
N GLY C 168 11.76 -1.34 -1.67
CA GLY C 168 10.59 -0.54 -2.16
C GLY C 168 10.00 0.69 -1.47
N ILE C 169 10.82 1.64 -1.04
CA ILE C 169 10.33 2.82 -0.24
C ILE C 169 9.88 4.07 -1.04
N HIS C 170 8.84 4.78 -0.56
CA HIS C 170 8.33 6.03 -1.17
C HIS C 170 8.17 7.24 -0.21
N GLU C 171 7.85 8.44 -0.73
CA GLU C 171 7.52 9.60 0.10
C GLU C 171 8.72 10.04 0.96
N HIS C 172 9.84 10.33 0.32
CA HIS C 172 11.14 10.50 1.02
C HIS C 172 12.04 11.50 0.33
N VAL C 173 12.56 12.49 1.06
CA VAL C 173 13.33 13.54 0.46
C VAL C 173 14.78 13.11 0.53
N LEU C 174 15.55 13.41 -0.51
CA LEU C 174 16.99 13.07 -0.54
C LEU C 174 17.91 14.24 -0.86
N VAL C 175 19.11 14.25 -0.24
CA VAL C 175 20.17 15.26 -0.53
C VAL C 175 21.49 14.55 -0.90
N GLY C 176 22.25 15.03 -1.89
CA GLY C 176 23.52 14.37 -2.18
C GLY C 176 24.46 14.94 -3.24
N THR C 177 25.58 14.27 -3.49
CA THR C 177 26.50 14.74 -4.58
C THR C 177 26.18 14.18 -5.99
N GLY C 178 26.53 12.91 -6.30
CA GLY C 178 27.29 12.04 -5.43
C GLY C 178 26.84 10.61 -5.19
N LYS C 179 27.63 9.64 -5.65
CA LYS C 179 27.27 8.25 -5.54
C LYS C 179 28.42 7.42 -4.93
N LEU C 180 29.25 8.17 -4.17
CA LEU C 180 30.71 7.99 -4.03
C LEU C 180 31.53 7.04 -3.17
N ILE C 181 31.03 6.06 -2.45
CA ILE C 181 32.01 5.31 -1.67
C ILE C 181 33.02 4.58 -2.58
N ARG C 182 32.48 3.99 -3.64
CA ARG C 182 33.30 3.39 -4.71
C ARG C 182 34.33 4.45 -5.21
N ASP C 183 33.81 5.63 -5.56
CA ASP C 183 34.62 6.67 -6.22
C ASP C 183 35.71 7.33 -5.35
N TRP C 184 36.53 8.12 -6.03
CA TRP C 184 37.90 8.42 -5.61
C TRP C 184 38.02 9.65 -4.74
N GLU C 185 37.03 10.51 -4.91
CA GLU C 185 36.87 11.83 -4.32
C GLU C 185 36.72 11.57 -2.78
N PRO C 186 37.45 12.35 -1.93
CA PRO C 186 37.39 12.14 -0.49
C PRO C 186 36.17 12.86 0.12
N VAL C 187 36.17 13.01 1.45
CA VAL C 187 35.11 13.75 2.09
C VAL C 187 35.70 15.11 2.43
N THR C 188 35.16 16.20 1.86
CA THR C 188 35.70 17.52 2.14
C THR C 188 34.78 18.44 2.96
N PRO C 189 35.38 19.25 3.88
CA PRO C 189 34.64 20.25 4.66
C PRO C 189 33.68 21.16 3.88
N HIS C 190 34.11 21.63 2.71
CA HIS C 190 33.26 22.61 2.04
C HIS C 190 32.02 21.95 1.42
N VAL C 191 32.19 20.77 0.83
CA VAL C 191 31.07 19.97 0.34
C VAL C 191 30.10 19.71 1.48
N LEU C 192 30.65 19.36 2.64
CA LEU C 192 29.82 19.12 3.81
C LEU C 192 29.01 20.31 4.25
N ASP C 193 29.60 21.51 4.13
CA ASP C 193 28.90 22.72 4.48
C ASP C 193 27.68 22.93 3.57
N ARG C 194 27.86 22.82 2.25
CA ARG C 194 26.75 23.07 1.35
C ARG C 194 25.65 21.99 1.47
N VAL C 195 26.08 20.72 1.51
CA VAL C 195 25.15 19.63 1.76
C VAL C 195 24.29 19.91 3.00
N SER C 196 24.98 20.27 4.08
CA SER C 196 24.33 20.56 5.34
C SER C 196 23.29 21.71 5.31
N GLU C 197 23.65 22.79 4.64
CA GLU C 197 22.81 23.99 4.57
C GLU C 197 21.53 23.74 3.81
N VAL C 198 21.69 23.08 2.65
CA VAL C 198 20.59 22.60 1.82
C VAL C 198 19.72 21.59 2.55
N MET C 199 20.35 20.62 3.19
CA MET C 199 19.68 19.60 4.01
C MET C 199 18.77 20.29 5.00
N THR C 200 19.33 21.32 5.63
CA THR C 200 18.62 22.05 6.62
C THR C 200 17.39 22.68 5.97
N ALA C 201 17.51 23.22 4.77
CA ALA C 201 16.43 23.88 4.18
C ALA C 201 15.26 22.92 3.86
N GLU C 202 15.56 21.71 3.43
CA GLU C 202 14.49 20.74 3.21
C GLU C 202 13.87 20.27 4.52
N ILE C 203 14.68 20.14 5.54
CA ILE C 203 14.16 19.84 6.85
C ILE C 203 13.13 20.93 7.26
N LEU C 204 13.47 22.20 6.98
CA LEU C 204 12.58 23.30 7.31
C LEU C 204 11.22 23.18 6.56
N LYS C 205 11.28 22.81 5.28
CA LYS C 205 10.04 22.58 4.52
C LYS C 205 9.21 21.43 5.06
N LEU C 206 9.85 20.30 5.31
CA LEU C 206 9.18 19.17 5.99
C LEU C 206 8.54 19.64 7.30
N LEU C 207 9.16 20.59 7.95
CA LEU C 207 8.65 21.06 9.22
C LEU C 207 7.40 21.91 9.05
N ARG C 208 7.33 22.63 7.92
CA ARG C 208 6.15 23.44 7.66
C ARG C 208 5.01 22.45 7.34
N GLY C 209 5.29 21.47 6.43
CA GLY C 209 4.35 20.42 6.02
C GLY C 209 3.72 19.66 7.19
N ALA C 210 4.50 19.54 8.28
CA ALA C 210 4.12 18.91 9.52
C ALA C 210 3.02 19.61 10.28
N GLN C 211 2.30 20.52 9.61
CA GLN C 211 1.16 21.25 10.18
C GLN C 211 -0.18 20.65 9.86
N GLU D 7 -2.54 12.76 -47.13
CA GLU D 7 -3.24 13.97 -47.71
C GLU D 7 -4.73 14.06 -47.40
N GLY D 8 -5.47 13.02 -47.80
CA GLY D 8 -6.76 12.62 -47.25
C GLY D 8 -6.56 11.13 -46.92
N LYS D 9 -7.48 10.56 -46.14
CA LYS D 9 -7.11 9.42 -45.32
C LYS D 9 -8.29 8.54 -45.03
N LYS D 10 -8.17 7.23 -45.18
CA LYS D 10 -9.37 6.35 -45.08
C LYS D 10 -9.39 5.45 -43.80
N VAL D 11 -10.51 5.45 -43.09
CA VAL D 11 -10.58 4.98 -41.72
C VAL D 11 -11.25 3.60 -41.56
N PRO D 12 -10.84 2.83 -40.52
CA PRO D 12 -11.65 1.62 -40.18
C PRO D 12 -13.00 2.05 -39.63
N HIS D 13 -14.09 1.35 -39.95
CA HIS D 13 -15.36 1.49 -39.19
C HIS D 13 -16.24 0.27 -39.55
N GLY D 14 -17.19 -0.07 -38.70
CA GLY D 14 -18.01 -1.19 -39.00
C GLY D 14 -17.60 -2.43 -38.18
N GLU D 15 -18.60 -3.19 -37.68
CA GLU D 15 -18.31 -4.47 -37.04
C GLU D 15 -18.62 -5.73 -37.88
N VAL D 16 -17.73 -6.72 -37.78
CA VAL D 16 -17.95 -8.04 -38.34
C VAL D 16 -17.99 -9.08 -37.22
N THR D 17 -19.04 -9.89 -37.16
CA THR D 17 -19.03 -11.06 -36.33
C THR D 17 -18.62 -12.32 -37.18
N LEU D 18 -17.63 -13.06 -36.66
CA LEU D 18 -17.18 -14.34 -37.14
C LEU D 18 -17.71 -15.42 -36.25
N VAL D 19 -18.67 -16.18 -36.81
CA VAL D 19 -19.14 -17.39 -36.15
C VAL D 19 -18.35 -18.56 -36.67
N GLY D 20 -17.64 -19.18 -35.75
CA GLY D 20 -16.73 -20.29 -36.04
C GLY D 20 -15.33 -19.80 -36.14
N ALA D 21 -14.45 -20.33 -35.29
CA ALA D 21 -13.05 -19.88 -35.30
C ALA D 21 -12.13 -21.09 -35.35
N GLY D 22 -12.48 -21.98 -36.27
CA GLY D 22 -11.70 -23.16 -36.56
C GLY D 22 -10.64 -22.80 -37.58
N ARG D 23 -10.13 -23.83 -38.23
CA ARG D 23 -9.11 -23.70 -39.23
C ARG D 23 -9.45 -22.67 -40.32
N LEU D 24 -10.70 -22.51 -40.71
CA LEU D 24 -11.10 -21.42 -41.59
C LEU D 24 -11.35 -20.12 -40.85
N GLY D 25 -12.28 -20.14 -39.88
CA GLY D 25 -12.57 -18.90 -39.08
C GLY D 25 -11.32 -18.16 -38.51
N PHE D 26 -10.33 -18.95 -38.02
CA PHE D 26 -9.03 -18.40 -37.56
C PHE D 26 -8.29 -17.55 -38.58
N ARG D 27 -8.12 -18.14 -39.77
CA ARG D 27 -7.44 -17.51 -40.90
C ARG D 27 -8.19 -16.25 -41.32
N THR D 28 -9.51 -16.30 -41.27
CA THR D 28 -10.30 -15.11 -41.64
C THR D 28 -10.03 -13.96 -40.70
N ALA D 29 -10.07 -14.30 -39.41
CA ALA D 29 -9.78 -13.34 -38.35
C ALA D 29 -8.47 -12.66 -38.63
N LEU D 30 -7.46 -13.43 -39.00
CA LEU D 30 -6.07 -12.91 -39.10
C LEU D 30 -6.00 -11.91 -40.16
N ASN D 31 -6.62 -12.29 -41.25
CA ASN D 31 -6.71 -11.40 -42.45
C ASN D 31 -7.32 -10.02 -42.03
N LEU D 32 -8.46 -10.09 -41.36
CA LEU D 32 -9.14 -8.87 -41.00
C LEU D 32 -8.30 -8.05 -40.05
N MET D 33 -7.61 -8.74 -39.15
CA MET D 33 -6.90 -8.09 -38.02
C MET D 33 -5.66 -7.34 -38.53
N GLN D 34 -5.20 -7.67 -39.73
CA GLN D 34 -4.01 -7.09 -40.30
C GLN D 34 -4.25 -6.00 -41.37
N ILE D 35 -5.49 -5.56 -41.51
CA ILE D 35 -5.87 -4.53 -42.45
C ILE D 35 -5.44 -3.11 -42.04
N HIS D 36 -5.13 -2.28 -43.02
CA HIS D 36 -4.86 -0.87 -42.78
C HIS D 36 -5.61 -0.06 -43.84
N ARG D 37 -5.80 1.23 -43.55
CA ARG D 37 -6.55 2.13 -44.47
C ARG D 37 -7.99 1.62 -44.83
N GLY D 38 -8.73 1.23 -43.77
CA GLY D 38 -10.10 0.73 -43.88
C GLY D 38 -10.39 -0.49 -43.00
N GLY D 39 -11.31 -1.34 -43.47
CA GLY D 39 -11.67 -2.57 -42.81
C GLY D 39 -12.52 -2.31 -41.59
N PRO D 40 -12.80 -3.37 -40.78
CA PRO D 40 -13.68 -3.21 -39.67
C PRO D 40 -13.05 -2.43 -38.56
N GLU D 41 -13.82 -1.71 -37.77
CA GLU D 41 -13.26 -1.17 -36.55
C GLU D 41 -13.37 -2.23 -35.48
N ARG D 42 -14.44 -3.06 -35.61
CA ARG D 42 -14.71 -4.10 -34.63
C ARG D 42 -14.71 -5.51 -35.19
N ILE D 43 -14.04 -6.45 -34.53
CA ILE D 43 -14.06 -7.91 -34.87
C ILE D 43 -14.56 -8.79 -33.70
N LYS D 44 -15.66 -9.51 -33.91
CA LYS D 44 -16.22 -10.37 -32.83
C LYS D 44 -16.06 -11.81 -33.26
N VAL D 45 -15.34 -12.62 -32.46
CA VAL D 45 -15.11 -14.02 -32.81
C VAL D 45 -15.81 -14.98 -31.86
N ILE D 46 -16.58 -15.93 -32.40
CA ILE D 46 -17.51 -16.67 -31.54
C ILE D 46 -17.44 -18.15 -31.86
N ASP D 47 -17.12 -18.94 -30.84
CA ASP D 47 -16.84 -20.37 -30.98
C ASP D 47 -16.68 -20.97 -29.58
N GLY D 48 -17.15 -22.19 -29.39
CA GLY D 48 -17.21 -22.79 -28.05
C GLY D 48 -16.02 -23.67 -27.66
N GLN D 49 -15.00 -23.79 -28.52
CA GLN D 49 -13.95 -24.84 -28.47
C GLN D 49 -12.58 -24.42 -28.02
N LYS D 50 -11.79 -25.41 -27.57
CA LYS D 50 -10.45 -25.21 -27.11
C LYS D 50 -9.51 -25.67 -28.20
N VAL D 51 -8.32 -25.11 -28.24
CA VAL D 51 -7.29 -25.55 -29.12
C VAL D 51 -6.88 -26.95 -28.66
N SER D 52 -6.86 -27.89 -29.60
CA SER D 52 -6.42 -29.23 -29.29
C SER D 52 -5.10 -29.52 -29.99
N ALA D 53 -4.53 -30.66 -29.62
CA ALA D 53 -3.32 -31.16 -30.22
C ALA D 53 -3.40 -31.20 -31.76
N ASP D 54 -4.59 -31.34 -32.35
CA ASP D 54 -4.73 -31.24 -33.81
C ASP D 54 -4.58 -29.84 -34.43
N ASP D 55 -4.68 -28.81 -33.60
CA ASP D 55 -4.78 -27.44 -34.12
C ASP D 55 -3.44 -26.80 -34.39
N LEU D 56 -2.72 -27.39 -35.35
CA LEU D 56 -1.28 -27.09 -35.51
C LEU D 56 -1.13 -25.66 -35.91
N ILE D 57 -2.07 -25.16 -36.72
CA ILE D 57 -2.11 -23.80 -37.24
C ILE D 57 -2.14 -22.78 -36.06
N PHE D 58 -2.94 -23.09 -35.05
CA PHE D 58 -2.93 -22.34 -33.78
C PHE D 58 -1.59 -22.52 -33.03
N ARG D 59 -1.10 -23.76 -32.88
CA ARG D 59 0.08 -23.99 -32.06
C ARG D 59 1.32 -23.31 -32.65
N LEU D 60 1.45 -23.39 -33.96
CA LEU D 60 2.62 -22.72 -34.58
C LEU D 60 2.42 -21.17 -34.45
N MET D 61 1.18 -20.72 -34.32
CA MET D 61 0.88 -19.33 -34.12
C MET D 61 1.06 -18.85 -32.67
N GLY D 62 1.33 -19.74 -31.72
CA GLY D 62 1.53 -19.37 -30.31
C GLY D 62 0.45 -19.88 -29.33
N ALA D 63 -0.65 -20.44 -29.83
CA ALA D 63 -1.73 -20.93 -28.92
C ALA D 63 -1.26 -22.05 -28.01
N LYS D 64 -1.68 -22.01 -26.75
CA LYS D 64 -1.32 -23.05 -25.80
C LYS D 64 -2.45 -24.02 -25.92
N ILE D 65 -2.10 -25.30 -25.94
CA ILE D 65 -3.05 -26.39 -25.88
C ILE D 65 -4.00 -26.15 -24.70
N GLY D 66 -5.29 -26.29 -24.99
CA GLY D 66 -6.33 -26.12 -23.99
C GLY D 66 -6.89 -24.72 -23.86
N GLU D 67 -6.29 -23.76 -24.53
CA GLU D 67 -6.78 -22.37 -24.68
C GLU D 67 -7.98 -22.31 -25.53
N TYR D 68 -8.92 -21.51 -25.14
CA TYR D 68 -10.07 -21.24 -25.97
C TYR D 68 -9.51 -20.59 -27.21
N LYS D 69 -9.83 -21.11 -28.37
CA LYS D 69 -9.52 -20.44 -29.60
C LYS D 69 -9.83 -18.94 -29.54
N VAL D 70 -10.99 -18.54 -29.05
CA VAL D 70 -11.39 -17.14 -29.19
C VAL D 70 -10.63 -16.24 -28.27
N LYS D 71 -10.20 -16.78 -27.14
CA LYS D 71 -9.25 -16.10 -26.27
C LYS D 71 -7.93 -15.89 -26.95
N PHE D 72 -7.44 -16.93 -27.61
CA PHE D 72 -6.19 -16.79 -28.33
C PHE D 72 -6.26 -15.67 -29.38
N ILE D 73 -7.31 -15.66 -30.14
CA ILE D 73 -7.44 -14.67 -31.16
C ILE D 73 -7.43 -13.28 -30.59
N GLU D 74 -8.16 -13.13 -29.49
CA GLU D 74 -8.33 -11.86 -28.79
C GLU D 74 -7.04 -11.35 -28.26
N SER D 75 -6.24 -12.27 -27.71
CA SER D 75 -4.96 -11.93 -27.06
C SER D 75 -3.96 -11.36 -28.06
N LEU D 76 -4.07 -11.69 -29.35
CA LEU D 76 -3.26 -11.09 -30.42
C LEU D 76 -3.51 -9.61 -30.60
N ALA D 77 -4.66 -9.09 -30.17
CA ALA D 77 -4.88 -7.61 -30.15
C ALA D 77 -4.30 -6.98 -28.84
N CYS D 78 -3.01 -6.75 -28.82
CA CYS D 78 -2.38 -6.24 -27.61
C CYS D 78 -2.85 -4.82 -27.31
N ASP D 79 -2.40 -4.32 -26.17
CA ASP D 79 -2.98 -3.14 -25.48
C ASP D 79 -3.12 -1.81 -26.23
N GLY D 80 -2.20 -1.58 -27.18
CA GLY D 80 -2.23 -0.41 -28.03
C GLY D 80 -2.83 -0.60 -29.41
N PHE D 81 -3.47 -1.74 -29.60
CA PHE D 81 -3.98 -2.13 -30.88
C PHE D 81 -5.14 -1.23 -31.23
N SER D 82 -5.17 -0.72 -32.47
CA SER D 82 -6.27 0.11 -32.95
C SER D 82 -7.65 -0.55 -33.16
N ARG D 83 -7.77 -1.88 -33.30
CA ARG D 83 -9.08 -2.46 -33.51
C ARG D 83 -9.57 -3.15 -32.29
N THR D 84 -10.90 -3.33 -32.23
CA THR D 84 -11.53 -3.94 -31.09
C THR D 84 -11.74 -5.39 -31.50
N VAL D 85 -11.15 -6.34 -30.76
CA VAL D 85 -11.32 -7.75 -31.06
C VAL D 85 -11.79 -8.41 -29.79
N GLN D 86 -13.02 -8.95 -29.80
CA GLN D 86 -13.71 -9.52 -28.60
C GLN D 86 -14.01 -10.99 -28.88
N GLY D 87 -13.65 -11.86 -27.95
CA GLY D 87 -13.85 -13.25 -28.22
C GLY D 87 -14.83 -13.82 -27.26
N ILE D 88 -15.82 -14.53 -27.80
CA ILE D 88 -16.86 -15.15 -27.03
C ILE D 88 -16.82 -16.64 -27.12
N PRO D 89 -16.48 -17.31 -26.00
CA PRO D 89 -16.37 -18.76 -26.07
C PRO D 89 -17.72 -19.54 -25.94
N GLU D 90 -18.64 -19.34 -26.87
CA GLU D 90 -19.91 -20.08 -26.86
C GLU D 90 -20.23 -20.47 -28.26
N TYR D 91 -20.86 -21.62 -28.44
CA TYR D 91 -21.39 -22.03 -29.70
C TYR D 91 -22.69 -21.31 -29.88
N ILE D 92 -22.99 -20.98 -31.12
CA ILE D 92 -24.28 -20.42 -31.42
C ILE D 92 -25.39 -21.49 -31.51
N THR D 93 -26.49 -21.19 -30.82
CA THR D 93 -27.67 -22.01 -30.82
C THR D 93 -28.82 -21.12 -31.26
N GLY D 94 -29.94 -21.75 -31.58
CA GLY D 94 -31.20 -21.08 -31.74
C GLY D 94 -31.62 -20.21 -30.57
N ASP D 95 -31.08 -20.48 -29.40
CA ASP D 95 -31.42 -19.71 -28.18
C ASP D 95 -30.55 -18.46 -27.84
N ASN D 96 -29.29 -18.43 -28.27
CA ASN D 96 -28.36 -17.32 -27.94
C ASN D 96 -27.91 -16.44 -29.13
N LEU D 97 -28.76 -16.33 -30.17
CA LEU D 97 -28.54 -15.46 -31.27
C LEU D 97 -28.33 -14.01 -30.76
N ARG D 98 -28.66 -13.72 -29.49
CA ARG D 98 -28.35 -12.34 -29.00
C ARG D 98 -26.88 -11.96 -29.02
N LEU D 99 -26.00 -12.97 -29.11
CA LEU D 99 -24.61 -12.77 -29.31
C LEU D 99 -24.32 -12.27 -30.73
N ILE D 100 -25.27 -12.45 -31.63
CA ILE D 100 -25.11 -12.21 -33.05
C ILE D 100 -25.57 -10.79 -33.30
N GLY D 101 -24.59 -9.96 -33.64
CA GLY D 101 -24.92 -8.63 -34.13
C GLY D 101 -23.76 -7.76 -34.53
N GLY D 102 -23.89 -7.15 -35.68
CA GLY D 102 -22.86 -6.41 -36.35
C GLY D 102 -23.44 -5.78 -37.60
N ASP D 103 -22.56 -5.34 -38.48
CA ASP D 103 -22.95 -4.88 -39.82
C ASP D 103 -22.77 -6.06 -40.76
N VAL D 104 -21.84 -6.96 -40.48
CA VAL D 104 -21.81 -8.20 -41.21
C VAL D 104 -21.69 -9.36 -40.21
N VAL D 105 -22.40 -10.46 -40.47
CA VAL D 105 -22.13 -11.76 -39.86
C VAL D 105 -21.72 -12.85 -40.91
N CYS D 106 -20.59 -13.53 -40.64
CA CYS D 106 -19.96 -14.55 -41.48
C CYS D 106 -19.82 -15.89 -40.80
N VAL D 107 -20.50 -16.90 -41.37
CA VAL D 107 -20.53 -18.28 -40.81
C VAL D 107 -19.55 -19.27 -41.42
N GLU D 108 -18.63 -19.74 -40.60
CA GLU D 108 -17.62 -20.73 -40.95
C GLU D 108 -17.56 -21.86 -39.89
N ILE D 109 -18.59 -22.71 -39.86
CA ILE D 109 -18.69 -23.80 -38.86
C ILE D 109 -18.54 -25.21 -39.49
N ALA D 110 -18.27 -26.18 -38.61
CA ALA D 110 -18.03 -27.58 -38.95
C ALA D 110 -18.46 -28.39 -37.72
N GLY D 111 -18.65 -29.70 -37.86
CA GLY D 111 -18.68 -30.44 -39.10
C GLY D 111 -19.60 -31.59 -38.75
N GLY D 112 -20.68 -31.74 -39.48
CA GLY D 112 -21.77 -32.60 -39.12
C GLY D 112 -22.84 -31.56 -38.92
N ASP D 113 -23.99 -31.97 -38.43
CA ASP D 113 -25.13 -31.10 -38.06
C ASP D 113 -25.04 -29.57 -38.20
N THR D 114 -24.59 -28.99 -39.32
CA THR D 114 -24.49 -27.52 -39.17
C THR D 114 -25.21 -26.71 -40.24
N LEU D 115 -26.41 -27.11 -40.58
CA LEU D 115 -27.15 -26.56 -41.72
C LEU D 115 -28.40 -25.74 -41.21
N PRO D 116 -29.19 -26.36 -40.27
CA PRO D 116 -30.26 -25.57 -39.68
C PRO D 116 -29.70 -24.37 -38.82
N ILE D 117 -28.68 -24.61 -38.03
CA ILE D 117 -28.06 -23.55 -37.19
C ILE D 117 -27.50 -22.31 -37.96
N THR D 118 -26.91 -22.60 -39.12
CA THR D 118 -26.46 -21.54 -39.98
C THR D 118 -27.64 -20.62 -40.38
N THR D 119 -28.69 -21.33 -40.82
CA THR D 119 -29.90 -20.73 -41.35
C THR D 119 -30.51 -19.82 -40.28
N GLU D 120 -30.46 -20.31 -39.03
CA GLU D 120 -31.03 -19.57 -37.93
C GLU D 120 -30.29 -18.25 -37.68
N ILE D 121 -28.97 -18.35 -37.76
CA ILE D 121 -28.10 -17.19 -37.54
C ILE D 121 -28.44 -16.12 -38.58
N ILE D 122 -28.59 -16.55 -39.83
CA ILE D 122 -28.79 -15.63 -40.93
C ILE D 122 -30.13 -14.96 -40.65
N ARG D 123 -31.13 -15.71 -40.14
CA ARG D 123 -32.42 -15.08 -39.77
C ARG D 123 -32.24 -13.85 -38.87
N TYR D 124 -31.68 -14.15 -37.71
CA TYR D 124 -31.60 -13.21 -36.66
C TYR D 124 -30.76 -12.00 -37.16
N ALA D 125 -29.64 -12.22 -37.82
CA ALA D 125 -28.80 -11.13 -38.24
C ALA D 125 -29.33 -10.17 -39.34
N GLN D 126 -29.84 -10.60 -40.50
CA GLN D 126 -30.26 -9.50 -41.44
C GLN D 126 -31.57 -8.87 -41.07
N GLU D 127 -32.40 -9.58 -40.30
CA GLU D 127 -33.57 -8.85 -39.77
C GLU D 127 -33.12 -7.67 -38.89
N ARG D 128 -32.05 -7.87 -38.11
CA ARG D 128 -31.45 -6.86 -37.30
C ARG D 128 -30.44 -6.01 -37.96
N GLY D 129 -30.40 -6.09 -39.29
CA GLY D 129 -29.59 -5.21 -40.16
C GLY D 129 -28.13 -5.59 -40.47
N ALA D 130 -27.77 -6.86 -40.39
CA ALA D 130 -26.40 -7.24 -40.65
C ALA D 130 -26.43 -7.75 -42.08
N ALA D 131 -25.47 -7.35 -42.91
CA ALA D 131 -25.22 -8.04 -44.19
C ALA D 131 -24.64 -9.47 -43.94
N THR D 132 -24.71 -10.36 -44.91
CA THR D 132 -24.63 -11.76 -44.54
C THR D 132 -23.79 -12.65 -45.45
N ILE D 133 -23.06 -13.61 -44.82
CA ILE D 133 -22.19 -14.51 -45.61
C ILE D 133 -21.92 -15.85 -44.95
N SER D 134 -21.74 -16.91 -45.75
CA SER D 134 -21.47 -18.24 -45.17
C SER D 134 -20.74 -19.17 -46.10
N THR D 135 -20.68 -20.42 -45.67
CA THR D 135 -19.73 -21.40 -46.17
C THR D 135 -20.27 -22.68 -46.83
N MET D 136 -19.29 -23.52 -47.11
CA MET D 136 -19.25 -24.90 -46.70
C MET D 136 -19.26 -25.95 -47.74
N GLY D 137 -18.56 -25.74 -48.82
CA GLY D 137 -17.88 -26.84 -49.41
C GLY D 137 -16.58 -26.15 -49.48
N VAL D 138 -15.66 -26.52 -48.64
CA VAL D 138 -14.36 -25.84 -48.55
C VAL D 138 -13.27 -26.89 -48.92
N PHE D 139 -13.75 -28.07 -49.35
CA PHE D 139 -12.96 -29.24 -49.57
C PHE D 139 -12.11 -29.10 -50.83
N GLY D 140 -10.98 -29.78 -50.82
CA GLY D 140 -10.04 -29.59 -51.91
C GLY D 140 -8.62 -30.01 -51.63
N ILE D 141 -7.97 -30.44 -52.70
CA ILE D 141 -6.69 -31.06 -52.66
C ILE D 141 -5.65 -30.00 -53.00
N GLY D 142 -6.04 -28.88 -53.58
CA GLY D 142 -5.09 -27.77 -53.69
C GLY D 142 -5.14 -26.76 -54.81
N GLU D 143 -5.42 -27.24 -56.02
CA GLU D 143 -5.25 -26.40 -57.22
C GLU D 143 -6.52 -25.81 -57.78
N GLU D 144 -7.63 -26.53 -57.67
CA GLU D 144 -8.94 -26.11 -58.15
C GLU D 144 -9.23 -24.61 -58.00
N ASP D 145 -10.09 -24.13 -58.92
CA ASP D 145 -10.47 -22.73 -59.08
C ASP D 145 -11.34 -22.37 -57.85
N VAL D 146 -11.28 -21.09 -57.44
CA VAL D 146 -11.98 -20.66 -56.22
C VAL D 146 -13.41 -20.09 -56.36
N SER D 147 -14.38 -20.71 -55.65
CA SER D 147 -15.76 -20.33 -55.91
C SER D 147 -16.62 -19.73 -54.79
N VAL D 148 -17.56 -18.90 -55.24
CA VAL D 148 -18.56 -18.17 -54.44
C VAL D 148 -19.82 -18.10 -55.30
N VAL D 149 -20.97 -18.27 -54.66
CA VAL D 149 -22.25 -18.20 -55.37
C VAL D 149 -23.23 -17.57 -54.37
N ASP D 150 -24.30 -16.97 -54.84
CA ASP D 150 -25.36 -16.57 -53.94
C ASP D 150 -26.55 -17.42 -54.18
N ILE D 151 -27.24 -17.80 -53.10
CA ILE D 151 -28.55 -18.41 -53.31
C ILE D 151 -29.40 -17.36 -53.96
N ASP D 152 -30.07 -17.69 -55.07
CA ASP D 152 -30.83 -16.64 -55.78
C ASP D 152 -29.93 -15.61 -56.61
N GLU D 153 -28.75 -16.02 -57.09
CA GLU D 153 -28.03 -15.34 -58.20
C GLU D 153 -26.99 -16.19 -59.02
N ALA D 154 -27.03 -17.52 -59.15
CA ALA D 154 -28.05 -18.43 -58.68
C ALA D 154 -27.52 -19.86 -58.49
N ASP D 155 -26.50 -20.27 -59.23
CA ASP D 155 -26.08 -21.70 -59.40
C ASP D 155 -25.57 -22.55 -58.21
N PRO D 156 -26.49 -23.18 -57.42
CA PRO D 156 -25.87 -23.94 -56.37
C PRO D 156 -26.12 -25.44 -56.46
N GLU D 157 -25.67 -26.08 -55.42
CA GLU D 157 -26.05 -27.45 -55.18
C GLU D 157 -25.70 -28.23 -53.93
N ASN D 158 -26.39 -27.83 -52.85
CA ASN D 158 -26.55 -28.45 -51.57
C ASN D 158 -25.40 -29.17 -51.00
N PRO D 159 -25.68 -29.94 -49.91
CA PRO D 159 -26.97 -29.91 -49.28
C PRO D 159 -27.18 -28.87 -48.25
N ILE D 160 -26.29 -27.92 -48.12
CA ILE D 160 -26.44 -26.85 -47.16
C ILE D 160 -27.33 -25.85 -47.90
N ALA D 161 -27.19 -25.74 -49.23
CA ALA D 161 -28.01 -24.82 -50.03
C ALA D 161 -29.44 -25.38 -50.25
N ALA D 162 -29.49 -26.70 -50.39
CA ALA D 162 -30.70 -27.45 -50.44
C ALA D 162 -31.39 -27.34 -49.08
N TYR D 163 -30.72 -26.82 -48.05
CA TYR D 163 -31.36 -26.64 -46.77
C TYR D 163 -31.72 -25.22 -46.73
N LEU D 164 -30.84 -24.38 -47.25
CA LEU D 164 -30.98 -22.96 -47.24
C LEU D 164 -32.18 -22.53 -48.08
N GLN D 165 -32.18 -22.95 -49.35
CA GLN D 165 -33.31 -22.73 -50.28
C GLN D 165 -34.61 -23.30 -49.72
N ALA D 166 -34.54 -24.50 -49.18
CA ALA D 166 -35.66 -25.24 -48.52
C ALA D 166 -36.15 -24.59 -47.19
N GLU D 167 -35.30 -23.81 -46.49
CA GLU D 167 -35.72 -22.94 -45.41
C GLU D 167 -36.00 -21.51 -45.80
N GLY D 168 -35.95 -21.18 -47.09
CA GLY D 168 -36.27 -19.80 -47.50
C GLY D 168 -35.32 -18.73 -46.92
N ILE D 169 -34.05 -19.09 -46.88
CA ILE D 169 -33.01 -18.08 -46.86
C ILE D 169 -32.81 -17.53 -48.30
N HIS D 170 -32.71 -16.20 -48.40
CA HIS D 170 -32.59 -15.47 -49.70
C HIS D 170 -31.50 -14.37 -49.57
N GLU D 171 -30.95 -13.81 -50.66
CA GLU D 171 -29.94 -12.70 -50.50
C GLU D 171 -28.76 -13.00 -49.55
N HIS D 172 -28.10 -14.12 -49.79
CA HIS D 172 -27.11 -14.65 -48.91
C HIS D 172 -25.94 -15.22 -49.69
N VAL D 173 -24.78 -14.66 -49.36
CA VAL D 173 -23.54 -14.92 -50.07
C VAL D 173 -22.92 -16.19 -49.50
N LEU D 174 -22.60 -17.13 -50.38
CA LEU D 174 -21.97 -18.37 -50.00
C LEU D 174 -20.59 -18.54 -50.62
N VAL D 175 -19.66 -19.02 -49.83
CA VAL D 175 -18.34 -19.41 -50.35
C VAL D 175 -18.07 -20.94 -50.26
N GLY D 176 -17.38 -21.45 -51.29
CA GLY D 176 -16.64 -22.65 -51.17
C GLY D 176 -15.82 -23.06 -52.39
N THR D 177 -15.22 -24.25 -52.33
CA THR D 177 -14.76 -24.89 -53.57
C THR D 177 -15.96 -25.70 -54.15
N GLY D 178 -16.88 -26.04 -53.28
CA GLY D 178 -18.01 -26.79 -53.75
C GLY D 178 -17.89 -28.23 -53.36
N LYS D 179 -16.68 -28.67 -53.09
CA LYS D 179 -16.48 -30.05 -52.64
C LYS D 179 -16.92 -30.15 -51.21
N LEU D 180 -17.64 -31.21 -50.88
CA LEU D 180 -18.44 -31.34 -49.68
C LEU D 180 -18.06 -32.64 -48.96
N ILE D 181 -18.85 -33.15 -48.02
CA ILE D 181 -18.26 -33.99 -46.93
C ILE D 181 -17.39 -35.18 -47.39
N ARG D 182 -17.85 -35.93 -48.39
CA ARG D 182 -17.00 -36.88 -49.05
C ARG D 182 -17.29 -36.70 -50.55
N ASP D 183 -17.06 -35.48 -51.01
CA ASP D 183 -17.07 -35.23 -52.46
C ASP D 183 -15.73 -35.80 -52.84
N TRP D 184 -14.74 -35.03 -52.42
CA TRP D 184 -13.42 -35.07 -52.92
C TRP D 184 -12.50 -34.60 -51.81
N GLU D 185 -11.89 -35.58 -51.17
CA GLU D 185 -11.29 -35.47 -49.83
C GLU D 185 -9.95 -34.68 -49.85
N PRO D 186 -9.62 -33.89 -48.82
CA PRO D 186 -10.32 -33.57 -47.57
C PRO D 186 -10.10 -32.07 -47.44
N VAL D 187 -9.75 -31.58 -46.27
CA VAL D 187 -9.49 -30.16 -46.14
C VAL D 187 -7.98 -29.91 -46.10
N THR D 188 -7.49 -29.11 -47.05
CA THR D 188 -6.05 -28.73 -47.10
C THR D 188 -5.80 -27.26 -46.74
N PRO D 189 -4.63 -26.96 -46.14
CA PRO D 189 -4.36 -25.58 -45.76
C PRO D 189 -4.34 -24.62 -46.93
N HIS D 190 -3.93 -25.06 -48.10
CA HIS D 190 -3.75 -24.17 -49.22
C HIS D 190 -5.11 -23.70 -49.74
N VAL D 191 -6.07 -24.63 -49.83
CA VAL D 191 -7.42 -24.24 -50.21
C VAL D 191 -8.04 -23.44 -49.10
N LEU D 192 -7.89 -23.81 -47.83
CA LEU D 192 -8.42 -22.96 -46.75
C LEU D 192 -7.82 -21.58 -46.68
N ASP D 193 -6.52 -21.46 -47.02
CA ASP D 193 -5.96 -20.15 -47.24
C ASP D 193 -6.76 -19.45 -48.33
N ARG D 194 -7.04 -20.14 -49.43
CA ARG D 194 -7.83 -19.55 -50.51
C ARG D 194 -9.32 -19.20 -50.13
N VAL D 195 -10.02 -20.15 -49.54
CA VAL D 195 -11.39 -19.84 -49.06
C VAL D 195 -11.40 -18.60 -48.14
N SER D 196 -10.42 -18.55 -47.26
CA SER D 196 -10.22 -17.42 -46.38
C SER D 196 -9.93 -16.13 -47.10
N GLU D 197 -9.13 -16.21 -48.15
CA GLU D 197 -8.69 -15.01 -48.87
C GLU D 197 -9.87 -14.36 -49.52
N VAL D 198 -10.63 -15.23 -50.20
CA VAL D 198 -11.82 -14.89 -50.90
C VAL D 198 -12.90 -14.44 -49.93
N MET D 199 -13.16 -15.20 -48.87
CA MET D 199 -14.10 -14.79 -47.83
C MET D 199 -13.75 -13.41 -47.28
N THR D 200 -12.46 -13.13 -47.08
CA THR D 200 -12.02 -11.83 -46.60
C THR D 200 -12.43 -10.75 -47.61
N ALA D 201 -12.29 -11.08 -48.89
CA ALA D 201 -12.63 -10.14 -49.92
C ALA D 201 -14.13 -9.89 -49.93
N GLU D 202 -14.87 -10.98 -49.78
CA GLU D 202 -16.31 -10.87 -49.85
C GLU D 202 -16.83 -10.13 -48.60
N ILE D 203 -16.14 -10.31 -47.46
CA ILE D 203 -16.48 -9.63 -46.25
C ILE D 203 -16.36 -8.17 -46.50
N LEU D 204 -15.26 -7.76 -47.12
CA LEU D 204 -14.99 -6.32 -47.15
C LEU D 204 -15.97 -5.61 -48.11
N LYS D 205 -16.38 -6.30 -49.18
CA LYS D 205 -17.47 -5.81 -50.04
C LYS D 205 -18.75 -5.58 -49.23
N LEU D 206 -19.19 -6.60 -48.50
CA LEU D 206 -20.34 -6.49 -47.62
C LEU D 206 -20.16 -5.40 -46.54
N LEU D 207 -18.94 -5.13 -46.08
CA LEU D 207 -18.72 -4.16 -45.02
C LEU D 207 -18.89 -2.76 -45.65
N ARG D 208 -18.65 -2.65 -46.97
CA ARG D 208 -18.86 -1.34 -47.61
C ARG D 208 -20.41 -1.23 -47.75
N GLY D 209 -21.04 -2.35 -48.12
CA GLY D 209 -22.48 -2.44 -48.17
C GLY D 209 -23.19 -2.05 -46.89
N ALA D 210 -22.55 -2.11 -45.72
CA ALA D 210 -23.07 -1.54 -44.46
C ALA D 210 -23.43 -0.05 -44.55
N GLN D 211 -22.80 0.63 -45.51
CA GLN D 211 -23.02 2.06 -45.68
C GLN D 211 -23.84 2.47 -46.93
PG ATP E . 9.87 -4.98 35.79
O1G ATP E . 10.30 -5.47 37.13
O2G ATP E . 8.88 -5.85 35.03
O3G ATP E . 11.02 -4.50 34.95
PB ATP E . 7.79 -3.51 37.21
O1B ATP E . 8.08 -4.44 38.39
O2B ATP E . 6.51 -3.63 36.40
O3B ATP E . 9.00 -3.65 36.14
PA ATP E . 7.74 -1.44 39.27
O1A ATP E . 8.04 -2.55 40.29
O2A ATP E . 6.50 -0.62 39.40
O3A ATP E . 7.83 -1.97 37.72
O5' ATP E . 8.99 -0.43 39.25
C5' ATP E . 10.28 -0.90 38.81
C4' ATP E . 10.70 -0.13 37.57
O4' ATP E . 12.12 -0.22 37.44
C3' ATP E . 10.12 -0.70 36.28
O3' ATP E . 9.45 0.26 35.47
C2' ATP E . 11.30 -1.24 35.51
O2' ATP E . 11.20 -1.09 34.11
C1' ATP E . 12.44 -0.40 36.07
N9 ATP E . 13.71 -1.11 35.84
C8 ATP E . 13.92 -2.41 36.06
N7 ATP E . 15.18 -2.76 35.73
C5 ATP E . 15.77 -1.67 35.28
C6 ATP E . 17.12 -1.35 34.78
N6 ATP E . 18.07 -2.32 34.69
N1 ATP E . 17.38 -0.07 34.40
C2 ATP E . 16.44 0.89 34.47
N3 ATP E . 15.18 0.66 34.94
C4 ATP E . 14.80 -0.58 35.33
N1 FEG F . 9.29 -2.02 43.89
C2 FEG F . 9.80 -3.25 44.11
O2 FEG F . 9.02 -4.37 43.92
C3 FEG F . 11.19 -3.37 44.55
C3M FEG F . 11.83 -4.68 44.82
C4 FEG F . 11.99 -2.17 44.71
C5 FEG F . 11.39 -0.88 44.43
C5M FEG F . 12.18 0.37 44.61
C6 FEG F . 10.00 -0.89 44.01
C7 FEG F . 9.37 0.45 43.73
C8 FEG F . 8.89 0.61 42.32
O28 FEG F . 9.29 1.55 41.61
O18 FEG F . 8.03 -0.19 41.91
O3P FEG F . 13.28 -2.25 45.12
P1 FEG F . 13.71 -2.30 46.68
O1P FEG F . 14.06 -0.93 47.18
O2P FEG F . 12.64 -2.97 47.47
O5S FEG F . 15.10 -3.15 46.63
C5S FEG F . 15.60 -3.74 45.41
C4S FEG F . 16.84 -4.57 45.62
C3S FEG F . 16.65 -5.85 44.84
O3S FEG F . 17.64 -5.86 43.83
C2S FEG F . 16.96 -6.93 45.83
O2S FEG F . 18.07 -7.71 45.42
C1S FEG F . 17.35 -6.28 47.14
O4S FEG F . 17.02 -4.93 46.98
N9A FEG F . 16.53 -6.82 48.23
C8A FEG F . 15.74 -6.12 49.07
N7A FEG F . 15.12 -6.96 49.89
C5A FEG F . 15.54 -8.18 49.62
C4A FEG F . 16.48 -8.12 48.51
C6A FEG F . 15.24 -9.50 50.20
O6A FEG F . 14.42 -9.43 51.13
N1A FEG F . 15.80 -10.62 49.70
C2A FEG F . 16.68 -10.55 48.67
N3A FEG F . 17.02 -9.32 48.08
N2A FEG F . 17.22 -11.71 48.21
S SO4 G . 32.54 5.37 28.65
O1 SO4 G . 32.83 4.51 29.83
O2 SO4 G . 33.39 6.58 28.83
O3 SO4 G . 32.78 4.53 27.46
O4 SO4 G . 31.10 5.79 28.60
S SO4 H . 26.87 13.77 31.63
O1 SO4 H . 27.35 13.78 33.05
O2 SO4 H . 28.06 13.65 30.75
O3 SO4 H . 25.94 12.65 31.33
O4 SO4 H . 26.18 15.05 31.33
S SO4 I . 20.37 23.73 43.28
O1 SO4 I . 20.45 25.10 43.87
O2 SO4 I . 21.74 23.43 42.81
O3 SO4 I . 19.95 22.73 44.31
O4 SO4 I . 19.37 23.65 42.19
PG ATP J . -36.24 -6.03 -10.45
O1G ATP J . -35.55 -7.23 -9.81
O2G ATP J . -36.61 -6.24 -11.90
O3G ATP J . -37.39 -5.49 -9.64
PB ATP J . -33.81 -4.92 -11.52
O1B ATP J . -33.78 -6.17 -12.35
O2B ATP J . -33.79 -3.62 -12.29
O3B ATP J . -35.06 -4.90 -10.48
PA ATP J . -31.14 -4.27 -10.63
O1A ATP J . -30.87 -3.66 -9.29
O2A ATP J . -31.04 -3.48 -11.90
O3A ATP J . -32.59 -4.93 -10.47
O5' ATP J . -30.23 -5.59 -10.77
C5' ATP J . -28.82 -5.65 -10.78
C4' ATP J . -28.41 -6.56 -11.92
O4' ATP J . -27.83 -7.83 -11.56
C3' ATP J . -29.60 -6.91 -12.77
O3' ATP J . -29.56 -6.19 -14.00
C2' ATP J . -29.52 -8.41 -13.00
O2' ATP J . -29.82 -8.75 -14.36
C1' ATP J . -28.07 -8.70 -12.66
N9 ATP J . -27.88 -10.16 -12.54
C8 ATP J . -28.53 -11.04 -11.73
N7 ATP J . -28.12 -12.31 -11.92
C5 ATP J . -27.18 -12.27 -12.88
C6 ATP J . -26.30 -13.25 -13.57
N6 ATP J . -26.37 -14.58 -13.28
N1 ATP J . -25.43 -12.79 -14.49
C2 ATP J . -25.35 -11.49 -14.79
N3 ATP J . -26.13 -10.54 -14.22
C4 ATP J . -27.03 -10.86 -13.27
N1 FEG K . -29.49 -4.55 -5.54
C2 FEG K . -30.06 -5.48 -4.76
O2 FEG K . -31.43 -5.57 -4.70
C3 FEG K . -29.20 -6.43 -4.00
C3M FEG K . -29.77 -7.49 -3.14
C4 FEG K . -27.74 -6.30 -4.10
C5 FEG K . -27.21 -5.27 -4.97
C5M FEG K . -25.73 -5.13 -5.11
C6 FEG K . -28.17 -4.39 -5.70
C7 FEG K . -27.58 -3.32 -6.56
C8 FEG K . -28.50 -2.89 -7.67
O28 FEG K . -29.58 -2.28 -7.41
O18 FEG K . -28.15 -3.19 -8.83
O3P FEG K . -26.87 -7.11 -3.44
P1 FEG K . -26.61 -7.06 -1.84
O1P FEG K . -25.24 -6.59 -1.58
O2P FEG K . -27.63 -6.23 -1.12
O5S FEG K . -26.72 -8.64 -1.45
C5S FEG K . -26.55 -9.63 -2.45
C4S FEG K . -27.15 -10.96 -2.14
C3S FEG K . -28.61 -10.94 -2.56
O3S FEG K . -28.86 -11.24 -3.95
C2S FEG K . -29.15 -12.00 -1.65
O2S FEG K . -28.92 -13.26 -2.29
C1S FEG K . -28.30 -11.86 -0.40
O4S FEG K . -27.07 -11.28 -0.75
N9A FEG K . -29.01 -11.00 0.55
C8A FEG K . -29.34 -9.67 0.57
N7A FEG K . -30.04 -9.38 1.70
C5A FEG K . -30.18 -10.55 2.38
C4A FEG K . -29.50 -11.59 1.62
C6A FEG K . -30.79 -10.99 3.67
O6A FEG K . -31.37 -10.11 4.33
N1A FEG K . -30.70 -12.27 4.10
C2A FEG K . -30.07 -13.20 3.34
N3A FEG K . -29.47 -12.87 2.12
N2A FEG K . -30.02 -14.49 3.79
S SO4 L . -33.46 -11.75 -27.73
O1 SO4 L . -33.38 -12.56 -26.48
O2 SO4 L . -32.32 -10.77 -27.82
O3 SO4 L . -33.40 -12.65 -28.88
O4 SO4 L . -34.76 -10.99 -27.73
PG ATP M . 34.01 6.73 11.47
O1G ATP M . 35.07 5.91 10.76
O2G ATP M . 32.77 5.93 11.80
O3G ATP M . 34.57 7.58 12.59
PB ATP M . 33.28 9.32 10.75
O1B ATP M . 34.52 10.11 10.43
O2B ATP M . 32.78 9.38 12.17
O3B ATP M . 33.47 7.77 10.37
PA ATP M . 31.62 11.29 9.70
O1A ATP M . 31.60 11.73 8.30
O2A ATP M . 32.37 12.06 10.72
O3A ATP M . 32.17 9.79 9.74
O5' ATP M . 30.08 11.13 10.15
C5' ATP M . 29.47 9.83 10.34
C4' ATP M . 29.06 9.59 11.79
O4' ATP M . 27.88 8.80 11.83
C3' ATP M . 30.05 8.77 12.56
O3' ATP M . 30.40 9.48 13.74
C2' ATP M . 29.31 7.53 13.01
O2' ATP M . 29.60 7.18 14.36
C1' ATP M . 27.89 7.93 12.95
N9 ATP M . 27.01 6.78 12.71
C8 ATP M . 27.32 5.69 11.99
N7 ATP M . 26.26 4.83 11.95
C5 ATP M . 25.27 5.39 12.66
C6 ATP M . 23.91 5.04 13.01
N6 ATP M . 23.42 3.88 12.58
N1 ATP M . 23.17 5.89 13.76
C2 ATP M . 23.66 7.07 14.19
N3 ATP M . 24.92 7.47 13.90
C4 ATP M . 25.76 6.67 13.16
N1 FEG N . 31.24 10.51 5.87
C2 FEG N . 30.10 11.20 5.87
O2 FEG N . 30.21 12.41 6.53
C3 FEG N . 28.88 10.62 5.23
C3M FEG N . 27.57 11.32 5.16
C4 FEG N . 28.99 9.28 4.59
C5 FEG N . 30.30 8.62 4.69
C5M FEG N . 30.47 7.24 4.10
C6 FEG N . 31.42 9.30 5.37
C7 FEG N . 32.79 8.67 5.45
C8 FEG N . 33.67 8.95 6.65
O28 FEG N . 34.64 9.74 6.50
O18 FEG N . 33.44 8.37 7.72
O3P FEG N . 27.93 8.66 3.99
P1 FEG N . 27.79 8.72 2.36
O1P FEG N . 26.78 9.68 1.83
O2P FEG N . 29.12 8.75 1.69
O5S FEG N . 27.16 7.29 2.08
C5S FEG N . 26.13 6.78 2.89
C4S FEG N . 26.01 5.25 2.84
C3S FEG N . 27.27 4.46 3.21
O3S FEG N . 27.30 4.27 4.63
C2S FEG N . 27.18 3.20 2.34
O2S FEG N . 26.94 2.04 3.16
C1S FEG N . 26.13 3.50 1.22
O4S FEG N . 25.52 4.74 1.60
N9A FEG N . 26.73 3.73 -0.14
C8A FEG N . 26.51 4.83 -0.90
N7A FEG N . 27.16 4.85 -2.07
C5A FEG N . 27.87 3.73 -2.12
C4A FEG N . 27.59 2.99 -0.87
C6A FEG N . 28.81 3.11 -3.09
O6A FEG N . 29.11 3.64 -4.18
N1A FEG N . 29.36 1.93 -2.82
C2A FEG N . 29.07 1.31 -1.71
N3A FEG N . 28.22 1.79 -0.75
N2A FEG N . 29.67 0.14 -1.52
S SO4 O . 12.73 28.02 27.73
O1 SO4 O . 12.91 27.32 29.02
O2 SO4 O . 13.18 29.41 27.79
O3 SO4 O . 11.29 27.98 27.30
O4 SO4 O . 13.47 27.19 26.81
S SO4 P . 9.00 -1.06 19.80
O1 SO4 P . 10.00 -1.24 20.86
O2 SO4 P . 8.09 0.09 20.07
O3 SO4 P . 9.70 -0.79 18.53
O4 SO4 P . 8.27 -2.37 19.74
S SO4 Q . 13.81 -6.74 11.49
O1 SO4 Q . 13.80 -7.36 12.87
O2 SO4 Q . 14.43 -5.40 11.40
O3 SO4 Q . 14.50 -7.63 10.49
O4 SO4 Q . 12.39 -6.49 11.15
S SO4 R . 42.86 22.72 19.49
O1 SO4 R . 42.44 21.76 20.55
O2 SO4 R . 44.29 23.12 19.47
O3 SO4 R . 42.11 24.01 19.58
O4 SO4 R . 42.47 22.02 18.24
PG ATP S . -10.47 -30.69 -34.82
O1G ATP S . -11.31 -30.79 -33.56
O2G ATP S . -9.39 -29.65 -34.73
O3G ATP S . -10.05 -32.02 -35.40
PB ATP S . -12.22 -28.70 -35.91
O1B ATP S . -11.20 -27.65 -35.49
O2B ATP S . -13.46 -28.87 -35.10
O3B ATP S . -11.46 -30.12 -35.98
PA ATP S . -12.73 -26.89 -38.06
O1A ATP S . -11.36 -26.26 -37.92
O2A ATP S . -13.29 -26.95 -39.48
O3A ATP S . -12.66 -28.38 -37.43
O5' ATP S . -13.68 -26.12 -37.04
C5' ATP S . -14.84 -25.37 -37.42
C4' ATP S . -15.30 -24.58 -36.20
O4' ATP S . -16.72 -24.54 -36.09
C3' ATP S . -14.84 -25.22 -34.91
O3' ATP S . -13.87 -24.39 -34.24
C2' ATP S . -16.07 -25.36 -34.05
O2' ATP S . -15.83 -25.01 -32.68
C1' ATP S . -16.97 -24.36 -34.68
N9 ATP S . -18.38 -24.51 -34.26
C8 ATP S . -19.14 -25.62 -34.22
N7 ATP S . -20.38 -25.34 -33.76
C5 ATP S . -20.41 -24.03 -33.51
C6 ATP S . -21.43 -23.09 -33.00
N6 ATP S . -22.67 -23.50 -32.69
N1 ATP S . -21.06 -21.79 -32.84
C2 ATP S . -19.83 -21.37 -33.17
N3 ATP S . -18.86 -22.19 -33.65
C4 ATP S . -19.09 -23.50 -33.81
S SO4 T . -13.48 -24.06 -18.77
O1 SO4 T . -14.76 -24.26 -19.51
O2 SO4 T . -12.77 -22.84 -19.21
O3 SO4 T . -12.65 -25.26 -19.05
O4 SO4 T . -13.64 -23.88 -17.31
#